data_9G79
#
_entry.id   9G79
#
_cell.length_a   1.00
_cell.length_b   1.00
_cell.length_c   1.00
_cell.angle_alpha   90.00
_cell.angle_beta   90.00
_cell.angle_gamma   90.00
#
_symmetry.space_group_name_H-M   'P 1'
#
_entity_poly.entity_id   1
_entity_poly.type   'polypeptide(L)'
_entity_poly.pdbx_seq_one_letter_code
;MNLKALPAIEGDHNLKNYEETYRHFDWAEAEKHFSWHETGKLNAAYEAIDRHAESFRKNKVALYYKDAKRDEKYTFKEMK
EESNRAGNVLRRYGNVEKGDRVFIFMPRSPELYFIMLGAIKIGAIAGPLFEAFMEGAVKDRLENSEAKVVVTTPELLERI
PVDKLPHLQHVFVVGGEAESGTNIINYDEAAKQESTRLDIEWMDKKDGFLLHYTSGSTGTPKGVLHVHEAMIQQYQTGKW
VLDLKEEDIYWCTADPGWVTGTVYGIFAPWLNGATNVIVGGRFSPESWYGTIEQLGVNVWYSAPTAFRMLMGAGDEMAAK
YDLTSLRHVLSVGEPLNPEVIRWGHKVFNKRIHDTWWMTETGSQLICNYPCMDIKPGSMGKPIPGVEAAIVDNQGNELPP
YRMGNLAIKKGWPSMMHTIWNNPEKYESYFMPGGWYVSGDSAYMDEEGYFWFQGRVDDVIMTSGERVGPFEVESKLVEHP
AIAEAGVIGKPDPVRGEIIKAFIALREGFEPSDKLKEEIRLFVKQGLAAHAAPREIEFKDKLPKTRSGKIMRRVLKAWEL
NLPAGDLSTMED
;
_entity_poly.pdbx_strand_id   B,A
#
# COMPACT_ATOMS: atom_id res chain seq x y z
N ALA A 5 -38.84 5.27 -8.17
CA ALA A 5 -37.76 4.52 -8.78
C ALA A 5 -36.51 5.39 -8.97
N LEU A 6 -35.47 5.09 -8.23
CA LEU A 6 -34.24 5.87 -8.32
C LEU A 6 -33.46 5.49 -9.57
N PRO A 7 -33.20 6.42 -10.47
CA PRO A 7 -32.52 6.08 -11.72
C PRO A 7 -31.05 5.73 -11.49
N ALA A 8 -30.53 4.88 -12.37
CA ALA A 8 -29.12 4.52 -12.32
C ALA A 8 -28.26 5.70 -12.78
N ILE A 9 -27.00 5.69 -12.35
CA ILE A 9 -26.05 6.74 -12.68
C ILE A 9 -25.00 6.16 -13.61
N GLU A 10 -24.75 6.85 -14.71
CA GLU A 10 -23.79 6.38 -15.71
C GLU A 10 -22.38 6.39 -15.13
N GLY A 11 -21.59 5.37 -15.50
CA GLY A 11 -20.23 5.28 -15.03
C GLY A 11 -19.56 4.06 -15.61
N ASP A 12 -18.31 3.84 -15.18
CA ASP A 12 -17.51 2.72 -15.66
C ASP A 12 -17.59 1.58 -14.65
N HIS A 13 -18.72 0.87 -14.69
CA HIS A 13 -18.97 -0.23 -13.77
C HIS A 13 -18.40 -1.52 -14.31
N ASN A 14 -18.09 -2.44 -13.39
CA ASN A 14 -17.58 -3.75 -13.79
C ASN A 14 -18.63 -4.52 -14.59
N LEU A 15 -19.89 -4.47 -14.14
CA LEU A 15 -21.00 -5.05 -14.87
C LEU A 15 -21.63 -3.95 -15.73
N LYS A 16 -21.24 -3.88 -17.00
CA LYS A 16 -21.74 -2.82 -17.87
C LYS A 16 -23.25 -2.91 -18.11
N ASN A 17 -23.71 -4.08 -18.54
CA ASN A 17 -25.14 -4.27 -18.78
C ASN A 17 -25.56 -5.56 -18.10
N TYR A 18 -26.67 -5.52 -17.38
CA TYR A 18 -27.12 -6.70 -16.63
C TYR A 18 -27.68 -7.76 -17.56
N GLU A 19 -28.48 -7.35 -18.56
CA GLU A 19 -29.30 -8.30 -19.29
C GLU A 19 -28.45 -9.26 -20.12
N GLU A 20 -27.53 -8.73 -20.93
CA GLU A 20 -26.73 -9.60 -21.79
C GLU A 20 -25.83 -10.52 -20.97
N THR A 21 -25.23 -10.00 -19.90
CA THR A 21 -24.39 -10.83 -19.05
C THR A 21 -25.21 -11.94 -18.38
N TYR A 22 -26.39 -11.60 -17.88
CA TYR A 22 -27.26 -12.62 -17.29
C TYR A 22 -27.66 -13.66 -18.30
N ARG A 23 -27.89 -13.26 -19.55
CA ARG A 23 -28.30 -14.20 -20.57
C ARG A 23 -27.14 -15.09 -21.04
N HIS A 24 -25.90 -14.59 -20.96
CA HIS A 24 -24.76 -15.30 -21.52
C HIS A 24 -23.78 -15.88 -20.50
N PHE A 25 -23.88 -15.50 -19.22
CA PHE A 25 -22.82 -15.84 -18.28
C PHE A 25 -22.79 -17.34 -17.99
N ASP A 26 -21.58 -17.88 -17.87
CA ASP A 26 -21.34 -19.24 -17.45
C ASP A 26 -20.22 -19.24 -16.42
N TRP A 27 -20.38 -20.03 -15.36
CA TRP A 27 -19.42 -20.02 -14.26
C TRP A 27 -18.03 -20.48 -14.68
N ALA A 28 -17.92 -21.19 -15.80
CA ALA A 28 -16.60 -21.55 -16.31
C ALA A 28 -15.79 -20.31 -16.66
N GLU A 29 -16.44 -19.26 -17.16
CA GLU A 29 -15.76 -18.00 -17.39
C GLU A 29 -15.28 -17.39 -16.08
N ALA A 30 -16.10 -17.45 -15.03
CA ALA A 30 -15.67 -16.95 -13.72
C ALA A 30 -14.50 -17.74 -13.18
N GLU A 31 -14.39 -19.02 -13.53
CA GLU A 31 -13.28 -19.83 -13.05
C GLU A 31 -11.95 -19.45 -13.69
N LYS A 32 -11.96 -18.63 -14.74
CA LYS A 32 -10.73 -18.24 -15.40
C LYS A 32 -9.87 -17.28 -14.60
N HIS A 33 -10.46 -16.55 -13.65
CA HIS A 33 -9.74 -15.51 -12.91
C HIS A 33 -8.91 -16.06 -11.76
N PHE A 34 -8.93 -17.38 -11.56
CA PHE A 34 -8.22 -17.96 -10.43
C PHE A 34 -6.93 -18.66 -10.83
N SER A 35 -6.03 -18.82 -9.88
CA SER A 35 -4.75 -19.46 -10.16
C SER A 35 -4.89 -20.96 -10.38
N TRP A 36 -5.80 -21.60 -9.66
CA TRP A 36 -5.93 -23.05 -9.77
C TRP A 36 -6.43 -23.50 -11.13
N HIS A 37 -7.04 -22.61 -11.91
CA HIS A 37 -7.42 -22.97 -13.27
C HIS A 37 -6.22 -23.26 -14.14
N GLU A 38 -5.09 -22.58 -13.88
CA GLU A 38 -3.86 -22.80 -14.63
C GLU A 38 -2.92 -23.79 -13.95
N THR A 39 -3.00 -23.92 -12.63
CA THR A 39 -2.07 -24.74 -11.87
C THR A 39 -2.70 -26.00 -11.30
N GLY A 40 -3.95 -25.94 -10.85
CA GLY A 40 -4.60 -27.08 -10.24
C GLY A 40 -4.54 -27.13 -8.73
N LYS A 41 -3.89 -26.15 -8.09
CA LYS A 41 -3.79 -26.08 -6.64
C LYS A 41 -4.81 -25.08 -6.14
N LEU A 42 -5.82 -25.55 -5.41
CA LEU A 42 -6.99 -24.76 -5.05
C LEU A 42 -7.02 -24.52 -3.55
N ASN A 43 -7.25 -23.27 -3.16
CA ASN A 43 -7.43 -22.88 -1.76
C ASN A 43 -7.99 -21.47 -1.74
N ALA A 44 -9.07 -21.26 -1.00
CA ALA A 44 -9.69 -19.95 -0.94
C ALA A 44 -8.78 -18.93 -0.28
N ALA A 45 -8.09 -19.34 0.79
CA ALA A 45 -7.21 -18.42 1.49
C ALA A 45 -6.04 -17.98 0.62
N TYR A 46 -5.47 -18.91 -0.16
CA TYR A 46 -4.40 -18.54 -1.09
C TYR A 46 -4.90 -17.56 -2.13
N GLU A 47 -6.09 -17.79 -2.66
CA GLU A 47 -6.65 -16.89 -3.66
C GLU A 47 -6.96 -15.51 -3.07
N ALA A 48 -7.25 -15.45 -1.78
CA ALA A 48 -7.61 -14.18 -1.17
C ALA A 48 -6.38 -13.35 -0.78
N ILE A 49 -5.28 -13.99 -0.40
CA ILE A 49 -4.16 -13.25 0.17
C ILE A 49 -2.87 -13.50 -0.61
N ASP A 50 -2.42 -14.75 -0.67
CA ASP A 50 -1.07 -15.03 -1.17
C ASP A 50 -0.97 -14.82 -2.68
N ARG A 51 -2.09 -14.89 -3.39
CA ARG A 51 -2.06 -14.63 -4.82
C ARG A 51 -1.70 -13.17 -5.11
N HIS A 52 -2.25 -12.25 -4.32
CA HIS A 52 -1.97 -10.84 -4.52
C HIS A 52 -0.60 -10.44 -3.98
N ALA A 53 -0.16 -11.06 -2.89
CA ALA A 53 1.14 -10.74 -2.33
C ALA A 53 2.29 -11.15 -3.24
N GLU A 54 2.02 -11.98 -4.25
CA GLU A 54 3.02 -12.36 -5.24
C GLU A 54 2.78 -11.67 -6.57
N SER A 55 2.07 -10.54 -6.57
CA SER A 55 1.74 -9.81 -7.78
C SER A 55 2.06 -8.34 -7.62
N PHE A 56 1.57 -7.51 -8.54
CA PHE A 56 1.77 -6.07 -8.44
C PHE A 56 1.03 -5.45 -7.26
N ARG A 57 0.14 -6.20 -6.61
CA ARG A 57 -0.53 -5.75 -5.40
C ARG A 57 0.23 -6.11 -4.12
N LYS A 58 1.53 -6.40 -4.24
CA LYS A 58 2.28 -6.84 -3.07
C LYS A 58 2.35 -5.74 -2.00
N ASN A 59 2.62 -4.51 -2.42
CA ASN A 59 2.79 -3.39 -1.50
C ASN A 59 1.54 -2.56 -1.35
N LYS A 60 0.42 -3.00 -1.92
CA LYS A 60 -0.86 -2.32 -1.73
C LYS A 60 -1.36 -2.61 -0.33
N VAL A 61 -1.94 -1.59 0.30
CA VAL A 61 -2.46 -1.76 1.66
C VAL A 61 -3.68 -2.66 1.61
N ALA A 62 -3.58 -3.81 2.29
CA ALA A 62 -4.67 -4.76 2.36
C ALA A 62 -5.62 -4.46 3.51
N LEU A 63 -5.08 -4.12 4.69
CA LEU A 63 -5.91 -3.95 5.88
C LEU A 63 -5.61 -2.62 6.55
N TYR A 64 -6.68 -1.95 6.99
CA TYR A 64 -6.61 -0.70 7.75
C TYR A 64 -7.30 -0.93 9.08
N TYR A 65 -6.52 -1.04 10.15
CA TYR A 65 -7.06 -1.21 11.49
C TYR A 65 -6.95 0.11 12.25
N LYS A 66 -8.09 0.66 12.65
CA LYS A 66 -8.14 1.88 13.44
C LYS A 66 -8.79 1.59 14.78
N ASP A 67 -8.08 1.91 15.86
CA ASP A 67 -8.60 1.72 17.20
C ASP A 67 -7.99 2.79 18.08
N ALA A 68 -8.65 3.07 19.20
CA ALA A 68 -8.18 4.11 20.11
C ALA A 68 -6.79 3.80 20.64
N LYS A 69 -6.57 2.54 21.04
CA LYS A 69 -5.27 2.17 21.59
C LYS A 69 -4.22 2.01 20.49
N ARG A 70 -4.60 1.43 19.35
CA ARG A 70 -3.66 1.10 18.29
C ARG A 70 -4.21 1.51 16.94
N ASP A 71 -3.33 2.06 16.09
CA ASP A 71 -3.65 2.43 14.72
C ASP A 71 -2.62 1.81 13.81
N GLU A 72 -2.98 0.72 13.15
CA GLU A 72 -2.05 0.02 12.28
C GLU A 72 -2.62 -0.25 10.90
N LYS A 73 -1.72 -0.44 9.95
CA LYS A 73 -2.09 -0.73 8.57
C LYS A 73 -1.11 -1.77 8.03
N TYR A 74 -1.63 -2.70 7.23
CA TYR A 74 -0.86 -3.84 6.74
C TYR A 74 -0.97 -3.93 5.24
N THR A 75 0.09 -4.36 4.58
CA THR A 75 0.04 -4.62 3.15
C THR A 75 -0.31 -6.09 2.89
N PHE A 76 -0.48 -6.43 1.62
CA PHE A 76 -0.77 -7.81 1.27
C PHE A 76 0.38 -8.73 1.65
N LYS A 77 1.62 -8.26 1.47
CA LYS A 77 2.78 -9.03 1.90
C LYS A 77 2.77 -9.24 3.42
N GLU A 78 2.48 -8.19 4.17
CA GLU A 78 2.45 -8.30 5.63
C GLU A 78 1.29 -9.18 6.10
N MET A 79 0.13 -9.06 5.45
CA MET A 79 -0.99 -9.94 5.77
C MET A 79 -0.66 -11.39 5.50
N LYS A 80 0.00 -11.66 4.36
CA LYS A 80 0.42 -13.01 4.04
C LYS A 80 1.40 -13.55 5.08
N GLU A 81 2.35 -12.72 5.51
CA GLU A 81 3.33 -13.16 6.50
C GLU A 81 2.65 -13.47 7.84
N GLU A 82 1.75 -12.59 8.28
CA GLU A 82 1.05 -12.83 9.54
C GLU A 82 0.17 -14.07 9.46
N SER A 83 -0.52 -14.28 8.33
CA SER A 83 -1.34 -15.47 8.17
C SER A 83 -0.49 -16.74 8.17
N ASN A 84 0.67 -16.72 7.51
CA ASN A 84 1.55 -17.87 7.54
C ASN A 84 2.05 -18.15 8.95
N ARG A 85 2.38 -17.09 9.70
CA ARG A 85 2.80 -17.26 11.08
C ARG A 85 1.70 -17.89 11.92
N ALA A 86 0.46 -17.41 11.77
CA ALA A 86 -0.65 -17.98 12.52
C ALA A 86 -0.91 -19.43 12.14
N GLY A 87 -0.80 -19.75 10.85
CA GLY A 87 -0.97 -21.13 10.43
C GLY A 87 0.09 -22.04 10.99
N ASN A 88 1.35 -21.58 11.02
CA ASN A 88 2.41 -22.36 11.64
C ASN A 88 2.16 -22.55 13.13
N VAL A 89 1.69 -21.51 13.81
CA VAL A 89 1.38 -21.61 15.23
C VAL A 89 0.31 -22.67 15.46
N LEU A 90 -0.77 -22.63 14.67
CA LEU A 90 -1.83 -23.60 14.83
C LEU A 90 -1.34 -25.01 14.54
N ARG A 91 -0.60 -25.20 13.44
CA ARG A 91 -0.14 -26.52 13.07
C ARG A 91 0.80 -27.10 14.13
N ARG A 92 1.64 -26.27 14.72
CA ARG A 92 2.65 -26.79 15.65
C ARG A 92 2.07 -26.99 17.05
N TYR A 93 1.36 -26.00 17.59
CA TYR A 93 0.90 -26.07 18.97
C TYR A 93 -0.48 -26.66 19.13
N GLY A 94 -1.39 -26.44 18.18
CA GLY A 94 -2.74 -26.95 18.31
C GLY A 94 -2.94 -28.30 17.64
N ASN A 95 -1.91 -28.77 16.94
CA ASN A 95 -1.94 -30.06 16.26
C ASN A 95 -3.12 -30.15 15.30
N VAL A 96 -3.43 -29.04 14.64
CA VAL A 96 -4.59 -28.96 13.76
C VAL A 96 -4.22 -29.57 12.41
N GLU A 97 -5.04 -30.51 11.94
CA GLU A 97 -4.86 -31.14 10.65
C GLU A 97 -6.04 -30.81 9.75
N LYS A 98 -5.96 -31.29 8.51
CA LYS A 98 -6.99 -31.00 7.51
C LYS A 98 -8.34 -31.53 7.96
N GLY A 99 -9.35 -30.67 7.88
CA GLY A 99 -10.70 -31.02 8.26
C GLY A 99 -11.07 -30.66 9.69
N ASP A 100 -10.09 -30.33 10.52
CA ASP A 100 -10.37 -29.98 11.92
C ASP A 100 -11.13 -28.67 12.00
N ARG A 101 -11.91 -28.51 13.06
CA ARG A 101 -12.64 -27.27 13.31
C ARG A 101 -11.83 -26.41 14.28
N VAL A 102 -11.46 -25.21 13.85
CA VAL A 102 -10.77 -24.24 14.68
C VAL A 102 -11.75 -23.10 14.91
N PHE A 103 -12.08 -22.85 16.17
CA PHE A 103 -13.02 -21.80 16.51
C PHE A 103 -12.29 -20.59 17.08
N ILE A 104 -12.71 -19.42 16.64
CA ILE A 104 -12.05 -18.16 16.95
C ILE A 104 -13.04 -17.29 17.72
N PHE A 105 -12.71 -17.00 18.97
CA PHE A 105 -13.60 -16.33 19.92
C PHE A 105 -12.88 -15.12 20.51
N MET A 106 -12.92 -14.00 19.79
CA MET A 106 -12.18 -12.81 20.20
C MET A 106 -12.88 -11.60 19.63
N PRO A 107 -12.63 -10.41 20.19
CA PRO A 107 -13.11 -9.19 19.55
C PRO A 107 -12.37 -8.92 18.25
N ARG A 108 -13.02 -8.11 17.40
CA ARG A 108 -12.46 -7.80 16.09
C ARG A 108 -11.11 -7.11 16.22
N SER A 109 -10.12 -7.63 15.51
CA SER A 109 -8.73 -7.23 15.66
C SER A 109 -7.93 -7.86 14.52
N PRO A 110 -6.77 -7.28 14.18
CA PRO A 110 -5.94 -7.92 13.14
C PRO A 110 -5.56 -9.35 13.44
N GLU A 111 -5.35 -9.68 14.73
CA GLU A 111 -5.01 -11.04 15.09
C GLU A 111 -6.12 -12.01 14.71
N LEU A 112 -7.38 -11.56 14.82
CA LEU A 112 -8.50 -12.41 14.41
C LEU A 112 -8.38 -12.81 12.94
N TYR A 113 -8.12 -11.84 12.07
CA TYR A 113 -8.00 -12.11 10.64
C TYR A 113 -6.78 -12.97 10.34
N PHE A 114 -5.65 -12.68 11.00
CA PHE A 114 -4.46 -13.48 10.77
C PHE A 114 -4.70 -14.93 11.16
N ILE A 115 -5.35 -15.15 12.31
CA ILE A 115 -5.58 -16.52 12.78
C ILE A 115 -6.60 -17.23 11.90
N MET A 116 -7.65 -16.54 11.48
CA MET A 116 -8.63 -17.16 10.59
C MET A 116 -8.01 -17.57 9.27
N LEU A 117 -7.21 -16.67 8.68
CA LEU A 117 -6.55 -16.99 7.41
C LEU A 117 -5.56 -18.12 7.59
N GLY A 118 -4.81 -18.14 8.69
CA GLY A 118 -3.87 -19.23 8.92
C GLY A 118 -4.57 -20.56 9.11
N ALA A 119 -5.71 -20.56 9.80
CA ALA A 119 -6.48 -21.79 9.97
C ALA A 119 -7.00 -22.30 8.63
N ILE A 120 -7.55 -21.41 7.81
CA ILE A 120 -8.09 -21.84 6.52
C ILE A 120 -6.97 -22.29 5.58
N LYS A 121 -5.78 -21.68 5.69
CA LYS A 121 -4.67 -22.04 4.82
C LYS A 121 -4.22 -23.48 5.04
N ILE A 122 -4.23 -23.95 6.28
CA ILE A 122 -3.72 -25.28 6.61
C ILE A 122 -4.80 -26.35 6.51
N GLY A 123 -5.95 -26.03 5.93
CA GLY A 123 -7.00 -27.00 5.69
C GLY A 123 -8.04 -27.10 6.78
N ALA A 124 -7.89 -26.39 7.89
CA ALA A 124 -8.88 -26.44 8.94
C ALA A 124 -10.16 -25.70 8.52
N ILE A 125 -11.23 -25.97 9.26
CA ILE A 125 -12.51 -25.30 9.05
C ILE A 125 -12.65 -24.24 10.13
N ALA A 126 -12.68 -22.98 9.73
CA ALA A 126 -12.71 -21.87 10.66
C ALA A 126 -14.14 -21.52 11.04
N GLY A 127 -14.37 -21.41 12.35
CA GLY A 127 -15.65 -20.98 12.85
C GLY A 127 -15.52 -19.81 13.80
N PRO A 128 -16.05 -18.65 13.39
CA PRO A 128 -16.00 -17.47 14.26
C PRO A 128 -17.17 -17.44 15.22
N LEU A 129 -16.89 -16.98 16.45
CA LEU A 129 -17.91 -16.81 17.47
C LEU A 129 -18.01 -15.33 17.84
N PHE A 130 -19.24 -14.87 18.03
CA PHE A 130 -19.47 -13.50 18.49
C PHE A 130 -18.87 -13.31 19.88
N GLU A 131 -18.19 -12.17 20.06
CA GLU A 131 -17.58 -11.83 21.34
C GLU A 131 -18.59 -11.72 22.47
N ALA A 132 -19.85 -11.45 22.17
CA ALA A 132 -20.88 -11.25 23.17
C ALA A 132 -21.56 -12.53 23.62
N PHE A 133 -21.15 -13.68 23.07
CA PHE A 133 -21.76 -14.94 23.46
C PHE A 133 -21.43 -15.27 24.92
N MET A 134 -22.43 -15.79 25.63
CA MET A 134 -22.25 -16.21 27.01
C MET A 134 -21.72 -17.63 27.05
N GLU A 135 -21.74 -18.24 28.23
CA GLU A 135 -21.23 -19.59 28.39
C GLU A 135 -22.07 -20.60 27.61
N GLY A 136 -23.39 -20.42 27.60
CA GLY A 136 -24.26 -21.40 26.98
C GLY A 136 -24.04 -21.53 25.49
N ALA A 137 -24.04 -20.41 24.78
CA ALA A 137 -23.89 -20.45 23.32
C ALA A 137 -22.53 -21.00 22.92
N VAL A 138 -21.48 -20.55 23.60
CA VAL A 138 -20.14 -21.07 23.32
C VAL A 138 -20.09 -22.57 23.58
N LYS A 139 -20.70 -23.03 24.67
CA LYS A 139 -20.71 -24.45 24.97
C LYS A 139 -21.40 -25.25 23.88
N ASP A 140 -22.60 -24.80 23.46
CA ASP A 140 -23.32 -25.53 22.43
C ASP A 140 -22.55 -25.56 21.11
N ARG A 141 -21.97 -24.42 20.72
CA ARG A 141 -21.29 -24.38 19.42
C ARG A 141 -19.97 -25.15 19.44
N LEU A 142 -19.30 -25.21 20.60
CA LEU A 142 -18.09 -26.00 20.68
C LEU A 142 -18.38 -27.50 20.81
N GLU A 143 -19.54 -27.85 21.37
CA GLU A 143 -19.88 -29.27 21.50
C GLU A 143 -20.40 -29.82 20.17
N ASN A 144 -21.27 -29.07 19.49
CA ASN A 144 -21.85 -29.56 18.25
C ASN A 144 -20.78 -29.77 17.17
N SER A 145 -19.82 -28.84 17.09
CA SER A 145 -18.78 -28.94 16.08
C SER A 145 -17.64 -29.86 16.48
N GLU A 146 -17.59 -30.27 17.75
CA GLU A 146 -16.44 -31.04 18.27
C GLU A 146 -15.14 -30.30 17.98
N ALA A 147 -15.16 -28.99 18.20
CA ALA A 147 -14.02 -28.15 17.87
C ALA A 147 -12.79 -28.57 18.65
N LYS A 148 -11.68 -28.74 17.92
CA LYS A 148 -10.42 -29.17 18.52
C LYS A 148 -9.69 -28.02 19.20
N VAL A 149 -9.74 -26.82 18.63
CA VAL A 149 -8.97 -25.68 19.10
C VAL A 149 -9.88 -24.47 19.18
N VAL A 150 -9.74 -23.70 20.25
CA VAL A 150 -10.39 -22.40 20.38
C VAL A 150 -9.32 -21.36 20.66
N VAL A 151 -9.44 -20.20 20.01
CA VAL A 151 -8.52 -19.08 20.19
C VAL A 151 -9.30 -17.91 20.75
N THR A 152 -8.83 -17.35 21.87
CA THR A 152 -9.60 -16.36 22.58
C THR A 152 -8.67 -15.35 23.23
N THR A 153 -9.25 -14.42 23.97
CA THR A 153 -8.58 -13.38 24.73
C THR A 153 -8.78 -13.62 26.22
N PRO A 154 -7.92 -13.04 27.07
CA PRO A 154 -8.10 -13.23 28.51
C PRO A 154 -9.45 -12.78 29.03
N GLU A 155 -10.04 -11.76 28.41
CA GLU A 155 -11.35 -11.28 28.87
C GLU A 155 -12.44 -12.34 28.69
N LEU A 156 -12.46 -13.03 27.55
CA LEU A 156 -13.48 -14.04 27.28
C LEU A 156 -13.02 -15.45 27.59
N LEU A 157 -11.83 -15.63 28.16
CA LEU A 157 -11.36 -16.96 28.50
C LEU A 157 -12.24 -17.61 29.57
N GLU A 158 -12.87 -16.79 30.41
CA GLU A 158 -13.72 -17.30 31.48
C GLU A 158 -15.07 -17.77 31.00
N ARG A 159 -15.46 -17.45 29.77
CA ARG A 159 -16.77 -17.82 29.25
C ARG A 159 -16.78 -19.18 28.56
N ILE A 160 -15.64 -19.86 28.45
CA ILE A 160 -15.56 -21.15 27.79
C ILE A 160 -15.43 -22.22 28.88
N PRO A 161 -16.33 -23.20 28.93
CA PRO A 161 -16.24 -24.34 29.86
C PRO A 161 -15.38 -25.49 29.32
N VAL A 162 -14.07 -25.39 29.56
CA VAL A 162 -13.14 -26.40 29.06
C VAL A 162 -13.47 -27.77 29.59
N ASP A 163 -13.89 -27.86 30.86
CA ASP A 163 -14.13 -29.15 31.49
C ASP A 163 -15.33 -29.88 30.90
N LYS A 164 -16.28 -29.16 30.29
CA LYS A 164 -17.49 -29.76 29.76
C LYS A 164 -17.37 -30.17 28.29
N LEU A 165 -16.18 -29.99 27.68
CA LEU A 165 -15.97 -30.29 26.27
C LEU A 165 -14.84 -31.30 26.15
N PRO A 166 -15.17 -32.59 26.04
CA PRO A 166 -14.12 -33.61 25.84
C PRO A 166 -13.38 -33.48 24.53
N HIS A 167 -13.96 -32.81 23.54
CA HIS A 167 -13.35 -32.71 22.22
C HIS A 167 -12.49 -31.46 22.04
N LEU A 168 -12.32 -30.65 23.07
CA LEU A 168 -11.50 -29.45 22.98
C LEU A 168 -10.14 -29.72 23.60
N GLN A 169 -9.09 -29.73 22.77
CA GLN A 169 -7.73 -30.02 23.21
C GLN A 169 -6.97 -28.78 23.65
N HIS A 170 -6.95 -27.73 22.84
CA HIS A 170 -6.07 -26.59 23.06
C HIS A 170 -6.87 -25.30 23.10
N VAL A 171 -6.43 -24.36 23.95
CA VAL A 171 -7.03 -23.03 24.04
C VAL A 171 -5.91 -22.02 23.87
N PHE A 172 -5.98 -21.24 22.78
CA PHE A 172 -5.00 -20.21 22.52
C PHE A 172 -5.48 -18.88 23.06
N VAL A 173 -4.61 -18.20 23.81
CA VAL A 173 -4.92 -16.90 24.39
C VAL A 173 -4.00 -15.88 23.75
N VAL A 174 -4.59 -14.82 23.20
CA VAL A 174 -3.85 -13.74 22.57
C VAL A 174 -3.91 -12.52 23.49
N GLY A 175 -2.78 -11.83 23.65
CA GLY A 175 -2.70 -10.70 24.53
C GLY A 175 -2.79 -11.08 26.00
N GLY A 176 -2.40 -10.13 26.84
CA GLY A 176 -2.47 -10.33 28.28
C GLY A 176 -1.42 -11.29 28.80
N GLU A 177 -1.21 -11.29 30.11
CA GLU A 177 -0.23 -12.18 30.75
C GLU A 177 -0.88 -13.46 31.25
N ALA A 178 -1.50 -14.21 30.35
CA ALA A 178 -2.15 -15.45 30.73
C ALA A 178 -1.12 -16.53 31.01
N GLU A 179 -1.28 -17.20 32.15
CA GLU A 179 -0.37 -18.28 32.52
C GLU A 179 -0.71 -19.54 31.73
N SER A 180 0.27 -20.04 30.97
CA SER A 180 0.05 -21.19 30.11
C SER A 180 -0.17 -22.46 30.94
N GLY A 181 -1.42 -22.93 30.98
CA GLY A 181 -1.75 -24.14 31.70
C GLY A 181 -1.56 -25.39 30.86
N THR A 182 -2.20 -26.47 31.31
CA THR A 182 -2.10 -27.73 30.59
C THR A 182 -2.73 -27.66 29.20
N ASN A 183 -3.79 -26.87 29.03
CA ASN A 183 -4.43 -26.71 27.74
C ASN A 183 -4.51 -25.25 27.30
N ILE A 184 -3.79 -24.35 27.95
CA ILE A 184 -3.78 -22.93 27.61
C ILE A 184 -2.41 -22.58 27.07
N ILE A 185 -2.37 -21.97 25.89
CA ILE A 185 -1.13 -21.59 25.22
C ILE A 185 -1.19 -20.10 24.91
N ASN A 186 -0.17 -19.36 25.34
CA ASN A 186 -0.10 -17.94 25.04
C ASN A 186 0.28 -17.75 23.58
N TYR A 187 -0.64 -17.16 22.80
CA TYR A 187 -0.47 -17.12 21.36
C TYR A 187 0.74 -16.28 20.96
N ASP A 188 0.92 -15.12 21.59
CA ASP A 188 1.97 -14.19 21.17
C ASP A 188 3.36 -14.80 21.34
N GLU A 189 3.59 -15.50 22.45
CA GLU A 189 4.88 -16.12 22.68
C GLU A 189 5.21 -17.15 21.61
N ALA A 190 4.24 -17.99 21.26
CA ALA A 190 4.45 -18.98 20.20
C ALA A 190 4.66 -18.30 18.86
N ALA A 191 3.88 -17.25 18.57
CA ALA A 191 3.97 -16.58 17.27
C ALA A 191 5.31 -15.91 17.08
N LYS A 192 5.86 -15.29 18.14
CA LYS A 192 7.12 -14.57 18.01
C LYS A 192 8.26 -15.47 17.52
N GLN A 193 8.18 -16.77 17.78
CA GLN A 193 9.25 -17.71 17.41
C GLN A 193 8.93 -18.51 16.16
N GLU A 194 7.84 -18.22 15.46
CA GLU A 194 7.42 -18.98 14.30
C GLU A 194 7.86 -18.29 13.01
N SER A 195 7.89 -19.07 11.93
CA SER A 195 8.32 -18.56 10.64
C SER A 195 7.17 -17.88 9.90
N THR A 196 7.53 -17.12 8.87
CA THR A 196 6.56 -16.48 8.00
C THR A 196 6.33 -17.23 6.71
N ARG A 197 6.91 -18.42 6.56
CA ARG A 197 6.71 -19.26 5.39
C ARG A 197 5.88 -20.48 5.76
N LEU A 198 4.78 -20.68 5.05
CA LEU A 198 3.83 -21.75 5.36
C LEU A 198 3.64 -22.63 4.13
N ASP A 199 3.78 -23.94 4.32
CA ASP A 199 3.46 -24.92 3.28
C ASP A 199 1.95 -25.10 3.27
N ILE A 200 1.29 -24.45 2.32
CA ILE A 200 -0.16 -24.39 2.31
C ILE A 200 -0.75 -25.75 1.91
N GLU A 201 -1.77 -26.17 2.64
CA GLU A 201 -2.48 -27.41 2.34
C GLU A 201 -3.37 -27.19 1.13
N TRP A 202 -3.04 -27.84 0.02
CA TRP A 202 -3.83 -27.70 -1.20
C TRP A 202 -5.06 -28.60 -1.11
N MET A 203 -6.22 -28.05 -1.43
CA MET A 203 -7.50 -28.64 -1.07
C MET A 203 -8.31 -28.97 -2.32
N ASP A 204 -9.51 -29.49 -2.09
CA ASP A 204 -10.45 -29.80 -3.14
C ASP A 204 -11.67 -28.90 -3.03
N LYS A 205 -12.32 -28.65 -4.16
CA LYS A 205 -13.40 -27.66 -4.22
C LYS A 205 -14.59 -28.06 -3.36
N LYS A 206 -14.70 -29.34 -2.98
CA LYS A 206 -15.80 -29.81 -2.17
C LYS A 206 -15.45 -29.98 -0.70
N ASP A 207 -14.30 -29.48 -0.27
CA ASP A 207 -13.93 -29.53 1.14
C ASP A 207 -14.36 -28.25 1.84
N GLY A 208 -14.86 -28.39 3.06
CA GLY A 208 -15.32 -27.23 3.80
C GLY A 208 -14.18 -26.38 4.31
N PHE A 209 -14.43 -25.07 4.38
CA PHE A 209 -13.49 -24.12 4.96
C PHE A 209 -14.12 -23.11 5.91
N LEU A 210 -15.45 -23.05 6.01
CA LEU A 210 -16.13 -22.17 6.96
C LEU A 210 -17.24 -22.95 7.65
N LEU A 211 -17.48 -22.64 8.92
CA LEU A 211 -18.55 -23.24 9.69
C LEU A 211 -19.23 -22.15 10.50
N HIS A 212 -20.46 -21.80 10.14
CA HIS A 212 -21.20 -20.72 10.76
C HIS A 212 -22.45 -21.27 11.42
N TYR A 213 -22.70 -20.85 12.66
CA TYR A 213 -23.81 -21.36 13.44
C TYR A 213 -24.93 -20.32 13.50
N THR A 214 -26.14 -20.75 13.16
CA THR A 214 -27.30 -19.89 13.10
C THR A 214 -28.37 -20.37 14.08
N SER A 215 -29.17 -19.44 14.57
CA SER A 215 -30.28 -19.78 15.46
C SER A 215 -31.39 -20.45 14.65
N GLY A 216 -31.67 -21.72 14.96
CA GLY A 216 -32.65 -22.46 14.19
C GLY A 216 -34.07 -22.26 14.69
N SER A 217 -35.02 -22.66 13.85
CA SER A 217 -36.43 -22.57 14.21
C SER A 217 -36.77 -23.51 15.36
N THR A 218 -36.02 -24.61 15.51
CA THR A 218 -36.25 -25.56 16.59
C THR A 218 -35.55 -25.16 17.88
N GLY A 219 -34.81 -24.05 17.89
CA GLY A 219 -34.14 -23.57 19.08
C GLY A 219 -32.71 -24.04 19.24
N THR A 220 -32.25 -24.99 18.42
CA THR A 220 -30.86 -25.38 18.59
C THR A 220 -30.00 -24.86 17.45
N PRO A 221 -28.80 -24.37 17.74
CA PRO A 221 -27.93 -23.89 16.67
C PRO A 221 -27.52 -25.02 15.74
N LYS A 222 -27.37 -24.69 14.46
CA LYS A 222 -26.95 -25.65 13.44
C LYS A 222 -25.71 -25.10 12.74
N GLY A 223 -24.81 -26.00 12.37
CA GLY A 223 -23.58 -25.59 11.71
C GLY A 223 -23.67 -25.64 10.20
N VAL A 224 -23.60 -24.47 9.58
CA VAL A 224 -23.66 -24.37 8.11
C VAL A 224 -22.23 -24.48 7.59
N LEU A 225 -22.00 -25.45 6.72
CA LEU A 225 -20.67 -25.70 6.18
C LEU A 225 -20.60 -25.18 4.74
N HIS A 226 -19.59 -24.36 4.46
CA HIS A 226 -19.32 -23.85 3.12
C HIS A 226 -18.03 -24.47 2.61
N VAL A 227 -17.98 -24.71 1.30
CA VAL A 227 -16.83 -25.36 0.68
C VAL A 227 -15.97 -24.29 0.00
N HIS A 228 -14.76 -24.70 -0.39
CA HIS A 228 -13.83 -23.77 -1.03
C HIS A 228 -14.40 -23.20 -2.32
N GLU A 229 -15.15 -24.01 -3.07
CA GLU A 229 -15.66 -23.59 -4.37
C GLU A 229 -16.48 -22.31 -4.29
N ALA A 230 -17.06 -22.03 -3.13
CA ALA A 230 -17.84 -20.81 -2.95
C ALA A 230 -17.06 -19.56 -3.30
N MET A 231 -15.73 -19.58 -3.15
CA MET A 231 -14.94 -18.39 -3.45
C MET A 231 -15.22 -17.90 -4.86
N ILE A 232 -15.48 -18.82 -5.80
CA ILE A 232 -15.83 -18.41 -7.16
C ILE A 232 -16.93 -17.37 -7.12
N GLN A 233 -18.09 -17.74 -6.57
CA GLN A 233 -19.16 -16.76 -6.45
C GLN A 233 -18.74 -15.58 -5.59
N GLN A 234 -18.00 -15.85 -4.51
CA GLN A 234 -17.53 -14.78 -3.65
C GLN A 234 -16.69 -13.77 -4.43
N TYR A 235 -15.95 -14.25 -5.43
CA TYR A 235 -15.22 -13.33 -6.29
C TYR A 235 -16.18 -12.55 -7.18
N GLN A 236 -17.10 -13.26 -7.84
CA GLN A 236 -17.94 -12.62 -8.85
C GLN A 236 -18.87 -11.59 -8.22
N THR A 237 -19.53 -11.95 -7.12
CA THR A 237 -20.34 -10.97 -6.40
C THR A 237 -19.48 -9.84 -5.85
N GLY A 238 -18.20 -10.10 -5.59
CA GLY A 238 -17.32 -9.03 -5.17
C GLY A 238 -17.05 -8.03 -6.28
N LYS A 239 -17.16 -8.49 -7.53
CA LYS A 239 -16.87 -7.62 -8.67
C LYS A 239 -18.13 -6.92 -9.18
N TRP A 240 -19.26 -7.64 -9.20
CA TRP A 240 -20.50 -7.09 -9.75
C TRP A 240 -21.25 -6.24 -8.74
N VAL A 241 -21.52 -6.78 -7.55
CA VAL A 241 -22.34 -6.09 -6.57
C VAL A 241 -21.52 -5.05 -5.81
N LEU A 242 -20.34 -5.42 -5.33
CA LEU A 242 -19.49 -4.47 -4.63
C LEU A 242 -18.86 -3.45 -5.57
N ASP A 243 -18.65 -3.81 -6.84
CA ASP A 243 -18.05 -2.93 -7.83
C ASP A 243 -16.66 -2.47 -7.38
N LEU A 244 -15.85 -3.44 -6.96
CA LEU A 244 -14.53 -3.13 -6.44
C LEU A 244 -13.55 -2.84 -7.57
N LYS A 245 -12.95 -1.66 -7.55
CA LYS A 245 -11.88 -1.29 -8.47
C LYS A 245 -10.54 -1.45 -7.77
N GLU A 246 -9.48 -1.04 -8.47
CA GLU A 246 -8.15 -1.10 -7.88
C GLU A 246 -7.93 0.04 -6.90
N GLU A 247 -8.60 1.18 -7.10
CA GLU A 247 -8.41 2.36 -6.28
C GLU A 247 -9.47 2.51 -5.20
N ASP A 248 -10.12 1.42 -4.79
CA ASP A 248 -11.21 1.52 -3.84
C ASP A 248 -10.75 1.19 -2.42
N ILE A 249 -11.21 2.00 -1.47
CA ILE A 249 -11.09 1.71 -0.05
C ILE A 249 -12.42 1.09 0.40
N TYR A 250 -12.38 -0.14 0.89
CA TYR A 250 -13.57 -0.89 1.23
C TYR A 250 -13.70 -1.02 2.74
N TRP A 251 -14.89 -0.74 3.27
CA TRP A 251 -15.17 -0.84 4.70
C TRP A 251 -16.44 -1.64 4.89
N CYS A 252 -16.33 -2.79 5.55
CA CYS A 252 -17.48 -3.58 5.97
C CYS A 252 -17.61 -3.53 7.48
N THR A 253 -18.75 -3.08 7.97
CA THR A 253 -18.96 -2.84 9.38
C THR A 253 -19.50 -4.06 10.14
N ALA A 254 -19.79 -5.16 9.45
CA ALA A 254 -20.28 -6.35 10.10
C ALA A 254 -19.18 -7.04 10.90
N ASP A 255 -19.55 -7.64 12.02
CA ASP A 255 -18.58 -8.31 12.87
C ASP A 255 -18.09 -9.59 12.18
N PRO A 256 -16.82 -9.95 12.35
CA PRO A 256 -16.34 -11.22 11.79
C PRO A 256 -17.00 -12.44 12.41
N GLY A 257 -17.63 -12.29 13.57
CA GLY A 257 -18.29 -13.42 14.20
C GLY A 257 -19.43 -13.97 13.37
N TRP A 258 -20.15 -13.10 12.66
CA TRP A 258 -21.24 -13.54 11.81
C TRP A 258 -20.74 -13.86 10.40
N VAL A 259 -21.66 -14.34 9.57
CA VAL A 259 -21.29 -14.76 8.21
C VAL A 259 -21.01 -13.54 7.34
N THR A 260 -21.71 -12.44 7.59
CA THR A 260 -21.55 -11.26 6.74
C THR A 260 -20.14 -10.69 6.85
N GLY A 261 -19.61 -10.60 8.07
CA GLY A 261 -18.26 -10.09 8.24
C GLY A 261 -17.19 -11.07 7.78
N THR A 262 -17.51 -12.37 7.82
CA THR A 262 -16.54 -13.37 7.40
C THR A 262 -16.44 -13.46 5.88
N VAL A 263 -17.57 -13.34 5.19
CA VAL A 263 -17.58 -13.47 3.74
C VAL A 263 -17.25 -12.13 3.09
N TYR A 264 -18.01 -11.10 3.41
CA TYR A 264 -17.87 -9.81 2.76
C TYR A 264 -17.04 -8.83 3.56
N GLY A 265 -16.33 -9.29 4.58
CA GLY A 265 -15.38 -8.46 5.28
C GLY A 265 -13.99 -9.04 5.21
N ILE A 266 -13.87 -10.25 4.68
CA ILE A 266 -12.59 -10.93 4.58
C ILE A 266 -12.35 -11.39 3.15
N PHE A 267 -13.27 -12.18 2.60
CA PHE A 267 -13.00 -12.92 1.37
C PHE A 267 -13.41 -12.18 0.12
N ALA A 268 -14.61 -11.62 0.09
CA ALA A 268 -15.03 -10.89 -1.12
C ALA A 268 -14.11 -9.73 -1.46
N PRO A 269 -13.71 -8.87 -0.52
CA PRO A 269 -12.75 -7.82 -0.91
C PRO A 269 -11.38 -8.36 -1.30
N TRP A 270 -10.81 -9.25 -0.51
CA TRP A 270 -9.43 -9.65 -0.75
C TRP A 270 -9.28 -10.59 -1.93
N LEU A 271 -10.35 -11.28 -2.34
CA LEU A 271 -10.30 -12.03 -3.58
C LEU A 271 -10.19 -11.12 -4.79
N ASN A 272 -10.77 -9.93 -4.69
CA ASN A 272 -10.65 -8.90 -5.73
C ASN A 272 -9.42 -8.03 -5.55
N GLY A 273 -8.64 -8.24 -4.50
CA GLY A 273 -7.46 -7.42 -4.25
C GLY A 273 -7.77 -6.03 -3.76
N ALA A 274 -8.84 -5.84 -3.00
CA ALA A 274 -9.24 -4.52 -2.54
C ALA A 274 -8.58 -4.19 -1.21
N THR A 275 -8.80 -2.95 -0.77
CA THR A 275 -8.31 -2.51 0.53
C THR A 275 -9.45 -2.50 1.54
N ASN A 276 -9.32 -3.29 2.61
CA ASN A 276 -10.35 -3.47 3.60
C ASN A 276 -10.04 -2.64 4.83
N VAL A 277 -11.09 -2.11 5.46
CA VAL A 277 -10.98 -1.29 6.65
C VAL A 277 -11.80 -1.94 7.76
N ILE A 278 -11.20 -2.08 8.94
CA ILE A 278 -11.91 -2.54 10.13
C ILE A 278 -11.63 -1.52 11.24
N VAL A 279 -12.65 -1.27 12.06
CA VAL A 279 -12.57 -0.26 13.12
C VAL A 279 -12.98 -0.92 14.43
N GLY A 280 -12.13 -0.78 15.45
CA GLY A 280 -12.44 -1.31 16.76
C GLY A 280 -13.32 -0.39 17.58
N GLY A 281 -13.75 -0.89 18.73
CA GLY A 281 -14.61 -0.13 19.62
C GLY A 281 -16.06 -0.22 19.21
N ARG A 282 -16.91 0.36 20.06
CA ARG A 282 -18.34 0.37 19.82
C ARG A 282 -18.71 1.44 18.79
N PHE A 283 -19.94 1.35 18.29
CA PHE A 283 -20.43 2.31 17.32
C PHE A 283 -20.53 3.70 17.96
N SER A 284 -20.24 4.72 17.14
CA SER A 284 -20.49 6.10 17.48
C SER A 284 -20.43 6.88 16.19
N PRO A 285 -21.40 7.77 15.92
CA PRO A 285 -21.39 8.50 14.64
C PRO A 285 -20.11 9.30 14.44
N GLU A 286 -19.54 9.85 15.53
CA GLU A 286 -18.26 10.53 15.43
C GLU A 286 -17.20 9.61 14.85
N SER A 287 -17.04 8.42 15.43
CA SER A 287 -15.98 7.51 14.99
C SER A 287 -16.19 7.06 13.56
N TRP A 288 -17.43 6.72 13.19
CA TRP A 288 -17.69 6.22 11.84
C TRP A 288 -17.47 7.30 10.79
N TYR A 289 -18.02 8.49 11.03
CA TYR A 289 -17.85 9.57 10.07
C TYR A 289 -16.40 10.01 9.98
N GLY A 290 -15.69 10.05 11.11
CA GLY A 290 -14.28 10.39 11.08
C GLY A 290 -13.45 9.35 10.35
N THR A 291 -13.80 8.07 10.52
CA THR A 291 -13.10 7.02 9.78
C THR A 291 -13.31 7.18 8.28
N ILE A 292 -14.56 7.43 7.86
CA ILE A 292 -14.83 7.61 6.44
C ILE A 292 -14.06 8.81 5.90
N GLU A 293 -14.07 9.92 6.64
CA GLU A 293 -13.39 11.13 6.16
C GLU A 293 -11.87 10.94 6.11
N GLN A 294 -11.30 10.33 7.14
CA GLN A 294 -9.84 10.23 7.22
C GLN A 294 -9.28 9.20 6.24
N LEU A 295 -9.91 8.02 6.16
CA LEU A 295 -9.45 6.99 5.24
C LEU A 295 -9.93 7.18 3.81
N GLY A 296 -10.92 8.04 3.59
CA GLY A 296 -11.43 8.24 2.26
C GLY A 296 -12.07 6.99 1.69
N VAL A 297 -12.91 6.35 2.50
CA VAL A 297 -13.54 5.08 2.15
C VAL A 297 -14.41 5.26 0.91
N ASN A 298 -14.21 4.39 -0.09
CA ASN A 298 -14.96 4.50 -1.34
C ASN A 298 -16.18 3.58 -1.35
N VAL A 299 -15.98 2.32 -0.96
CA VAL A 299 -17.03 1.32 -0.92
C VAL A 299 -17.38 1.04 0.53
N TRP A 300 -18.67 1.13 0.86
CA TRP A 300 -19.16 0.94 2.21
C TRP A 300 -20.19 -0.17 2.21
N TYR A 301 -20.07 -1.11 3.16
CA TYR A 301 -21.00 -2.22 3.30
C TYR A 301 -21.43 -2.28 4.75
N SER A 302 -22.69 -1.96 5.02
CA SER A 302 -23.16 -1.85 6.39
C SER A 302 -24.50 -2.55 6.51
N ALA A 303 -25.18 -2.34 7.65
CA ALA A 303 -26.45 -2.97 7.96
C ALA A 303 -27.53 -1.91 8.16
N PRO A 304 -28.80 -2.25 7.91
CA PRO A 304 -29.87 -1.25 8.05
C PRO A 304 -30.00 -0.69 9.45
N THR A 305 -29.69 -1.48 10.48
CA THR A 305 -29.76 -0.98 11.84
C THR A 305 -28.76 0.15 12.06
N ALA A 306 -27.53 -0.03 11.57
CA ALA A 306 -26.53 1.02 11.70
C ALA A 306 -26.93 2.27 10.93
N PHE A 307 -27.49 2.09 9.73
CA PHE A 307 -27.95 3.25 8.97
C PHE A 307 -29.07 3.99 9.69
N ARG A 308 -30.03 3.26 10.26
CA ARG A 308 -31.13 3.91 10.96
C ARG A 308 -30.64 4.63 12.21
N MET A 309 -29.68 4.03 12.91
CA MET A 309 -29.13 4.67 14.10
C MET A 309 -28.35 5.90 13.65
N LEU A 310 -27.82 5.87 12.43
CA LEU A 310 -27.09 7.00 11.89
C LEU A 310 -28.13 8.10 11.73
N MET A 311 -29.27 7.74 11.14
CA MET A 311 -30.38 8.68 11.00
C MET A 311 -30.74 9.31 12.33
N GLY A 312 -30.71 8.52 13.40
CA GLY A 312 -31.01 9.04 14.73
C GLY A 312 -30.03 10.08 15.21
N ALA A 313 -28.83 10.14 14.62
CA ALA A 313 -27.81 11.09 15.05
C ALA A 313 -28.00 12.48 14.44
N GLY A 314 -28.85 12.62 13.43
CA GLY A 314 -29.09 13.94 12.87
C GLY A 314 -28.32 14.20 11.60
N ASP A 315 -28.87 15.07 10.76
CA ASP A 315 -28.26 15.41 9.48
C ASP A 315 -27.01 16.28 9.66
N GLU A 316 -27.07 17.23 10.59
CA GLU A 316 -25.93 18.11 10.83
C GLU A 316 -24.72 17.34 11.32
N MET A 317 -24.93 16.23 12.04
CA MET A 317 -23.81 15.41 12.50
C MET A 317 -23.02 14.90 11.31
N ALA A 318 -23.71 14.42 10.27
CA ALA A 318 -23.03 14.01 9.05
C ALA A 318 -22.47 15.20 8.29
N ALA A 319 -23.19 16.33 8.30
CA ALA A 319 -22.72 17.52 7.58
C ALA A 319 -21.45 18.10 8.19
N LYS A 320 -21.13 17.76 9.44
CA LYS A 320 -19.89 18.19 10.05
C LYS A 320 -18.65 17.56 9.42
N TYR A 321 -18.81 16.44 8.70
CA TYR A 321 -17.69 15.69 8.17
C TYR A 321 -17.72 15.68 6.65
N ASP A 322 -16.57 15.39 6.05
CA ASP A 322 -16.44 15.33 4.60
C ASP A 322 -16.66 13.89 4.13
N LEU A 323 -17.80 13.65 3.49
CA LEU A 323 -18.18 12.32 3.02
C LEU A 323 -18.17 12.21 1.50
N THR A 324 -17.35 13.01 0.82
CA THR A 324 -17.34 13.03 -0.63
C THR A 324 -16.51 11.89 -1.23
N SER A 325 -15.76 11.15 -0.41
CA SER A 325 -14.96 10.06 -0.94
C SER A 325 -15.80 8.83 -1.26
N LEU A 326 -16.94 8.68 -0.61
CA LEU A 326 -17.81 7.53 -0.84
C LEU A 326 -18.33 7.54 -2.27
N ARG A 327 -18.41 6.36 -2.88
CA ARG A 327 -18.96 6.22 -4.22
C ARG A 327 -19.90 5.03 -4.36
N HIS A 328 -19.94 4.12 -3.40
CA HIS A 328 -20.83 2.96 -3.46
C HIS A 328 -21.18 2.55 -2.04
N VAL A 329 -22.48 2.43 -1.75
CA VAL A 329 -22.98 2.09 -0.42
C VAL A 329 -23.93 0.91 -0.56
N LEU A 330 -23.75 -0.10 0.29
CA LEU A 330 -24.56 -1.31 0.23
C LEU A 330 -24.98 -1.70 1.65
N SER A 331 -26.13 -2.38 1.72
CA SER A 331 -26.72 -2.79 2.98
C SER A 331 -27.19 -4.23 2.90
N VAL A 332 -27.20 -4.91 4.06
CA VAL A 332 -27.52 -6.33 4.12
C VAL A 332 -27.88 -6.68 5.56
N GLY A 333 -28.59 -7.80 5.74
CA GLY A 333 -28.95 -8.32 7.04
C GLY A 333 -30.41 -8.13 7.39
N GLU A 334 -31.12 -7.27 6.65
CA GLU A 334 -32.50 -6.90 6.94
C GLU A 334 -33.02 -6.12 5.76
N PRO A 335 -34.27 -6.36 5.32
CA PRO A 335 -34.72 -5.68 4.10
C PRO A 335 -34.96 -4.19 4.30
N LEU A 336 -34.16 -3.41 3.57
CA LEU A 336 -33.96 -2.00 3.87
C LEU A 336 -35.23 -1.19 3.70
N ASN A 337 -35.42 -0.22 4.59
CA ASN A 337 -36.54 0.71 4.50
C ASN A 337 -36.21 1.83 3.49
N PRO A 338 -37.13 2.13 2.57
CA PRO A 338 -36.83 3.15 1.56
C PRO A 338 -36.55 4.54 2.15
N GLU A 339 -37.04 4.82 3.35
CA GLU A 339 -36.75 6.11 3.98
C GLU A 339 -35.26 6.24 4.26
N VAL A 340 -34.62 5.14 4.65
CA VAL A 340 -33.16 5.14 4.79
C VAL A 340 -32.51 5.43 3.45
N ILE A 341 -33.09 4.93 2.35
CA ILE A 341 -32.56 5.21 1.02
C ILE A 341 -32.65 6.69 0.72
N ARG A 342 -33.79 7.33 1.02
CA ARG A 342 -33.90 8.76 0.81
C ARG A 342 -32.89 9.52 1.65
N TRP A 343 -32.70 9.11 2.90
CA TRP A 343 -31.76 9.80 3.77
C TRP A 343 -30.34 9.67 3.24
N GLY A 344 -29.97 8.49 2.76
CA GLY A 344 -28.65 8.32 2.17
C GLY A 344 -28.45 9.16 0.93
N HIS A 345 -29.48 9.23 0.07
CA HIS A 345 -29.38 10.05 -1.13
C HIS A 345 -29.36 11.54 -0.79
N LYS A 346 -29.86 11.87 0.40
CA LYS A 346 -29.89 13.26 0.84
C LYS A 346 -28.60 13.68 1.55
N VAL A 347 -27.89 12.71 2.12
CA VAL A 347 -26.65 13.00 2.83
C VAL A 347 -25.43 12.77 1.93
N PHE A 348 -25.21 11.53 1.52
CA PHE A 348 -24.05 11.20 0.70
C PHE A 348 -24.29 11.48 -0.78
N ASN A 349 -25.53 11.77 -1.16
CA ASN A 349 -25.95 11.88 -2.56
C ASN A 349 -25.48 10.61 -3.27
N LYS A 350 -26.01 9.47 -2.80
CA LYS A 350 -25.72 8.15 -3.34
C LYS A 350 -26.93 7.25 -3.12
N ARG A 351 -26.98 6.17 -3.88
CA ARG A 351 -28.03 5.17 -3.74
C ARG A 351 -27.51 4.06 -2.83
N ILE A 352 -28.31 3.70 -1.83
CA ILE A 352 -27.96 2.57 -0.96
C ILE A 352 -28.46 1.29 -1.63
N HIS A 353 -27.55 0.35 -1.84
CA HIS A 353 -27.83 -0.85 -2.61
C HIS A 353 -28.18 -1.99 -1.67
N ASP A 354 -29.45 -2.39 -1.67
CA ASP A 354 -29.88 -3.49 -0.82
C ASP A 354 -29.55 -4.83 -1.48
N THR A 355 -29.05 -5.77 -0.68
CA THR A 355 -28.72 -7.10 -1.15
C THR A 355 -29.37 -8.13 -0.23
N TRP A 356 -29.68 -9.31 -0.77
CA TRP A 356 -30.34 -10.37 -0.02
C TRP A 356 -29.54 -11.66 -0.13
N TRP A 357 -29.28 -12.29 1.00
CA TRP A 357 -28.75 -13.65 1.07
C TRP A 357 -28.84 -14.10 2.52
N MET A 358 -28.54 -15.38 2.73
CA MET A 358 -28.60 -15.97 4.06
C MET A 358 -27.31 -16.75 4.31
N THR A 359 -27.16 -17.21 5.55
CA THR A 359 -25.96 -17.97 5.92
C THR A 359 -25.83 -19.24 5.10
N GLU A 360 -26.96 -19.84 4.73
CA GLU A 360 -26.92 -21.08 3.95
C GLU A 360 -26.57 -20.82 2.49
N THR A 361 -26.71 -19.58 2.02
CA THR A 361 -26.50 -19.28 0.60
C THR A 361 -25.05 -18.97 0.26
N GLY A 362 -24.21 -18.67 1.25
CA GLY A 362 -22.80 -18.46 1.03
C GLY A 362 -22.40 -17.11 0.48
N SER A 363 -23.22 -16.51 -0.37
CA SER A 363 -22.92 -15.21 -0.97
C SER A 363 -24.24 -14.59 -1.41
N GLN A 364 -24.19 -13.32 -1.80
CA GLN A 364 -25.42 -12.64 -2.21
C GLN A 364 -25.98 -13.27 -3.47
N LEU A 365 -27.31 -13.32 -3.55
CA LEU A 365 -27.99 -13.94 -4.67
C LEU A 365 -28.79 -12.91 -5.46
N ILE A 366 -29.63 -12.14 -4.76
CA ILE A 366 -30.50 -11.14 -5.37
C ILE A 366 -30.05 -9.77 -4.87
N CYS A 367 -29.68 -8.89 -5.79
CA CYS A 367 -29.00 -7.65 -5.42
C CYS A 367 -29.43 -6.52 -6.34
N ASN A 368 -29.12 -5.30 -5.90
CA ASN A 368 -29.15 -4.12 -6.74
C ASN A 368 -27.76 -3.90 -7.32
N TYR A 369 -27.70 -3.30 -8.51
CA TYR A 369 -26.44 -3.15 -9.22
C TYR A 369 -26.18 -1.69 -9.57
N PRO A 370 -24.90 -1.32 -9.70
CA PRO A 370 -24.58 0.06 -10.11
C PRO A 370 -25.14 0.42 -11.48
N CYS A 371 -25.28 -0.55 -12.37
CA CYS A 371 -25.77 -0.31 -13.73
C CYS A 371 -27.28 -0.45 -13.85
N MET A 372 -27.98 -0.71 -12.75
CA MET A 372 -29.41 -0.96 -12.77
C MET A 372 -30.13 0.08 -11.92
N ASP A 373 -31.35 0.40 -12.33
CA ASP A 373 -32.20 1.26 -11.52
C ASP A 373 -32.55 0.56 -10.22
N ILE A 374 -32.66 1.34 -9.15
CA ILE A 374 -33.00 0.82 -7.83
C ILE A 374 -34.42 1.24 -7.50
N LYS A 375 -35.30 0.25 -7.36
CA LYS A 375 -36.67 0.51 -6.90
C LYS A 375 -36.66 0.44 -5.39
N PRO A 376 -37.02 1.51 -4.68
CA PRO A 376 -36.96 1.50 -3.22
C PRO A 376 -37.75 0.36 -2.59
N GLY A 377 -37.12 -0.37 -1.66
CA GLY A 377 -37.75 -1.48 -0.98
C GLY A 377 -37.55 -2.82 -1.66
N SER A 378 -37.00 -2.84 -2.86
CA SER A 378 -36.82 -4.09 -3.59
C SER A 378 -35.44 -4.67 -3.35
N MET A 379 -35.38 -6.01 -3.31
CA MET A 379 -34.11 -6.70 -3.18
C MET A 379 -33.31 -6.68 -4.47
N GLY A 380 -33.97 -6.54 -5.61
CA GLY A 380 -33.28 -6.48 -6.89
C GLY A 380 -33.51 -7.70 -7.76
N LYS A 381 -32.46 -8.12 -8.47
CA LYS A 381 -32.53 -9.24 -9.40
C LYS A 381 -31.44 -10.25 -9.08
N PRO A 382 -31.66 -11.53 -9.42
CA PRO A 382 -30.62 -12.53 -9.19
C PRO A 382 -29.35 -12.23 -9.98
N ILE A 383 -28.21 -12.60 -9.41
CA ILE A 383 -26.93 -12.39 -10.07
C ILE A 383 -26.86 -13.30 -11.28
N PRO A 384 -26.15 -12.91 -12.34
CA PRO A 384 -25.96 -13.82 -13.48
C PRO A 384 -25.31 -15.12 -13.05
N GLY A 385 -25.79 -16.22 -13.61
CA GLY A 385 -25.36 -17.54 -13.20
C GLY A 385 -26.18 -18.14 -12.09
N VAL A 386 -27.18 -17.43 -11.57
CA VAL A 386 -28.04 -17.91 -10.51
C VAL A 386 -29.49 -17.67 -10.93
N GLU A 387 -30.31 -18.71 -10.81
CA GLU A 387 -31.72 -18.64 -11.19
C GLU A 387 -32.57 -18.69 -9.93
N ALA A 388 -33.47 -17.71 -9.80
CA ALA A 388 -34.38 -17.63 -8.66
C ALA A 388 -35.81 -17.53 -9.15
N ALA A 389 -36.75 -17.90 -8.29
CA ALA A 389 -38.15 -17.89 -8.67
C ALA A 389 -39.02 -17.82 -7.42
N ILE A 390 -40.30 -17.56 -7.63
CA ILE A 390 -41.32 -17.63 -6.59
C ILE A 390 -42.15 -18.88 -6.84
N VAL A 391 -42.06 -19.85 -5.93
CA VAL A 391 -42.68 -21.14 -6.13
C VAL A 391 -43.70 -21.39 -5.02
N ASP A 392 -44.66 -22.27 -5.33
CA ASP A 392 -45.62 -22.73 -4.35
C ASP A 392 -45.06 -23.92 -3.58
N ASN A 393 -45.93 -24.58 -2.83
CA ASN A 393 -45.51 -25.74 -2.05
C ASN A 393 -45.23 -26.97 -2.91
N GLN A 394 -45.65 -26.97 -4.17
CA GLN A 394 -45.43 -28.09 -5.07
C GLN A 394 -44.26 -27.87 -6.03
N GLY A 395 -43.52 -26.77 -5.89
CA GLY A 395 -42.40 -26.50 -6.75
C GLY A 395 -42.73 -25.88 -8.08
N ASN A 396 -43.96 -25.38 -8.28
CA ASN A 396 -44.34 -24.77 -9.54
C ASN A 396 -44.12 -23.26 -9.48
N GLU A 397 -43.56 -22.72 -10.55
CA GLU A 397 -43.33 -21.27 -10.62
C GLU A 397 -44.65 -20.52 -10.57
N LEU A 398 -44.64 -19.39 -9.90
CA LEU A 398 -45.85 -18.57 -9.85
C LEU A 398 -45.71 -17.36 -10.77
N PRO A 399 -46.82 -16.87 -11.30
CA PRO A 399 -46.75 -15.66 -12.14
C PRO A 399 -46.43 -14.44 -11.30
N PRO A 400 -46.01 -13.34 -11.93
CA PRO A 400 -45.64 -12.15 -11.16
C PRO A 400 -46.81 -11.60 -10.36
N TYR A 401 -46.48 -10.92 -9.26
CA TYR A 401 -47.40 -10.28 -8.31
C TYR A 401 -48.16 -11.28 -7.45
N ARG A 402 -47.77 -12.55 -7.46
CA ARG A 402 -48.39 -13.57 -6.63
C ARG A 402 -47.46 -13.95 -5.49
N MET A 403 -47.98 -13.91 -4.27
CA MET A 403 -47.19 -14.27 -3.10
C MET A 403 -46.81 -15.74 -3.13
N GLY A 404 -45.60 -16.03 -2.67
CA GLY A 404 -45.14 -17.40 -2.64
C GLY A 404 -43.80 -17.52 -1.95
N ASN A 405 -43.28 -18.74 -1.93
CA ASN A 405 -41.99 -19.00 -1.29
C ASN A 405 -40.87 -18.62 -2.24
N LEU A 406 -39.86 -17.92 -1.72
CA LEU A 406 -38.70 -17.56 -2.52
C LEU A 406 -37.76 -18.75 -2.63
N ALA A 407 -37.58 -19.26 -3.85
CA ALA A 407 -36.73 -20.42 -4.08
C ALA A 407 -35.62 -20.06 -5.05
N ILE A 408 -34.51 -20.77 -4.94
CA ILE A 408 -33.36 -20.60 -5.83
C ILE A 408 -33.06 -21.94 -6.46
N LYS A 409 -32.79 -21.94 -7.76
CA LYS A 409 -32.45 -23.19 -8.44
C LYS A 409 -31.16 -23.75 -7.87
N LYS A 410 -31.20 -25.02 -7.49
CA LYS A 410 -30.07 -25.66 -6.82
C LYS A 410 -28.87 -25.74 -7.74
N GLY A 411 -27.68 -25.49 -7.18
CA GLY A 411 -26.45 -25.74 -7.91
C GLY A 411 -25.44 -24.61 -8.00
N TRP A 412 -25.73 -23.47 -7.38
CA TRP A 412 -24.79 -22.36 -7.43
C TRP A 412 -23.55 -22.68 -6.60
N PRO A 413 -22.39 -22.11 -6.96
CA PRO A 413 -21.14 -22.51 -6.29
C PRO A 413 -21.11 -22.24 -4.79
N SER A 414 -21.77 -21.19 -4.32
CA SER A 414 -21.69 -20.79 -2.92
C SER A 414 -22.72 -21.49 -2.05
N MET A 415 -23.39 -22.52 -2.56
CA MET A 415 -24.33 -23.29 -1.76
C MET A 415 -23.62 -23.95 -0.59
N MET A 416 -24.32 -24.05 0.53
CA MET A 416 -23.80 -24.81 1.65
C MET A 416 -23.67 -26.28 1.27
N HIS A 417 -22.58 -26.91 1.72
CA HIS A 417 -22.38 -28.31 1.40
C HIS A 417 -23.29 -29.21 2.22
N THR A 418 -23.46 -28.87 3.50
CA THR A 418 -24.31 -29.66 4.39
C THR A 418 -24.60 -28.84 5.63
N ILE A 419 -25.43 -29.39 6.50
CA ILE A 419 -25.59 -28.89 7.86
C ILE A 419 -24.83 -29.84 8.77
N TRP A 420 -23.94 -29.28 9.60
CA TRP A 420 -22.98 -30.08 10.35
C TRP A 420 -23.68 -31.12 11.21
N ASN A 421 -23.42 -32.40 10.92
CA ASN A 421 -23.93 -33.53 11.69
C ASN A 421 -25.44 -33.53 11.78
N ASN A 422 -26.12 -33.19 10.68
CA ASN A 422 -27.59 -33.19 10.63
C ASN A 422 -28.03 -33.22 9.17
N PRO A 423 -27.86 -34.36 8.51
CA PRO A 423 -28.28 -34.44 7.09
C PRO A 423 -29.75 -34.20 6.87
N GLU A 424 -30.60 -34.58 7.83
CA GLU A 424 -32.05 -34.42 7.65
C GLU A 424 -32.42 -32.95 7.51
N LYS A 425 -31.84 -32.08 8.35
CA LYS A 425 -32.11 -30.66 8.22
C LYS A 425 -31.60 -30.12 6.88
N TYR A 426 -30.46 -30.65 6.42
CA TYR A 426 -29.93 -30.23 5.13
C TYR A 426 -30.90 -30.56 3.99
N GLU A 427 -31.44 -31.78 4.00
CA GLU A 427 -32.39 -32.16 2.96
C GLU A 427 -33.74 -31.47 3.15
N SER A 428 -34.02 -30.97 4.36
CA SER A 428 -35.25 -30.25 4.60
C SER A 428 -35.30 -28.89 3.90
N TYR A 429 -34.19 -28.42 3.34
CA TYR A 429 -34.16 -27.12 2.68
C TYR A 429 -34.56 -27.16 1.22
N PHE A 430 -34.72 -28.35 0.64
CA PHE A 430 -34.94 -28.50 -0.79
C PHE A 430 -36.32 -29.05 -1.09
N MET A 431 -36.90 -28.59 -2.19
CA MET A 431 -38.19 -29.02 -2.69
C MET A 431 -38.02 -29.85 -3.96
N PRO A 432 -39.02 -30.63 -4.34
CA PRO A 432 -38.95 -31.35 -5.62
C PRO A 432 -38.79 -30.38 -6.78
N GLY A 433 -37.99 -30.78 -7.76
CA GLY A 433 -37.69 -29.94 -8.91
C GLY A 433 -36.37 -29.21 -8.82
N GLY A 434 -35.54 -29.48 -7.82
CA GLY A 434 -34.28 -28.80 -7.68
C GLY A 434 -34.36 -27.39 -7.12
N TRP A 435 -35.40 -27.08 -6.36
CA TRP A 435 -35.58 -25.75 -5.79
C TRP A 435 -35.16 -25.76 -4.33
N TYR A 436 -34.12 -24.99 -4.00
CA TYR A 436 -33.77 -24.73 -2.62
C TYR A 436 -34.68 -23.63 -2.08
N VAL A 437 -35.47 -23.94 -1.07
CA VAL A 437 -36.41 -23.00 -0.49
C VAL A 437 -35.77 -22.39 0.75
N SER A 438 -35.94 -21.08 0.92
CA SER A 438 -35.30 -20.35 2.00
C SER A 438 -36.21 -20.14 3.19
N GLY A 439 -37.48 -20.52 3.09
CA GLY A 439 -38.42 -20.24 4.16
C GLY A 439 -38.91 -18.81 4.22
N ASP A 440 -38.66 -18.02 3.19
CA ASP A 440 -39.04 -16.61 3.15
C ASP A 440 -40.05 -16.37 2.04
N SER A 441 -40.94 -15.41 2.27
CA SER A 441 -41.99 -15.07 1.32
C SER A 441 -41.58 -13.84 0.52
N ALA A 442 -41.69 -13.93 -0.80
CA ALA A 442 -41.35 -12.82 -1.68
C ALA A 442 -42.18 -12.95 -2.94
N TYR A 443 -42.26 -11.85 -3.69
CA TYR A 443 -43.01 -11.85 -4.95
C TYR A 443 -42.25 -11.08 -6.02
N MET A 444 -42.38 -11.54 -7.26
CA MET A 444 -41.71 -10.96 -8.40
C MET A 444 -42.65 -9.98 -9.09
N ASP A 445 -42.08 -8.92 -9.67
CA ASP A 445 -42.84 -7.97 -10.45
C ASP A 445 -42.76 -8.33 -11.93
N GLU A 446 -43.45 -7.55 -12.76
CA GLU A 446 -43.41 -7.80 -14.21
C GLU A 446 -42.05 -7.51 -14.81
N GLU A 447 -41.21 -6.74 -14.12
CA GLU A 447 -39.89 -6.38 -14.62
C GLU A 447 -38.79 -7.31 -14.11
N GLY A 448 -39.15 -8.35 -13.35
CA GLY A 448 -38.16 -9.24 -12.79
C GLY A 448 -37.64 -8.86 -11.43
N TYR A 449 -38.08 -7.75 -10.87
CA TYR A 449 -37.62 -7.32 -9.55
C TYR A 449 -38.31 -8.13 -8.46
N PHE A 450 -37.57 -8.43 -7.40
CA PHE A 450 -38.09 -9.18 -6.27
C PHE A 450 -38.44 -8.22 -5.13
N TRP A 451 -39.54 -8.50 -4.44
CA TRP A 451 -39.98 -7.72 -3.30
C TRP A 451 -40.21 -8.66 -2.13
N PHE A 452 -39.63 -8.32 -0.99
CA PHE A 452 -39.70 -9.17 0.19
C PHE A 452 -40.94 -8.87 1.02
N GLN A 453 -41.42 -9.88 1.73
CA GLN A 453 -42.58 -9.73 2.61
C GLN A 453 -42.33 -10.42 3.95
N ALA B 5 36.11 -9.86 -13.93
CA ALA B 5 34.90 -9.31 -14.53
C ALA B 5 33.68 -10.11 -14.12
N LEU B 6 32.80 -9.50 -13.33
CA LEU B 6 31.60 -10.18 -12.87
C LEU B 6 30.59 -10.29 -14.02
N PRO B 7 30.18 -11.50 -14.40
CA PRO B 7 29.23 -11.62 -15.50
C PRO B 7 27.85 -11.15 -15.12
N ALA B 8 27.11 -10.69 -16.13
CA ALA B 8 25.72 -10.27 -15.90
C ALA B 8 24.84 -11.49 -15.65
N ILE B 9 23.72 -11.25 -14.98
CA ILE B 9 22.76 -12.30 -14.63
C ILE B 9 21.50 -12.09 -15.46
N GLU B 10 21.04 -13.14 -16.12
CA GLU B 10 19.86 -13.06 -16.97
C GLU B 10 18.62 -12.75 -16.13
N GLY B 11 17.74 -11.92 -16.67
CA GLY B 11 16.49 -11.59 -15.99
C GLY B 11 15.66 -10.66 -16.83
N ASP B 12 14.53 -10.24 -16.27
CA ASP B 12 13.61 -9.35 -16.96
C ASP B 12 13.90 -7.94 -16.45
N HIS B 13 14.91 -7.32 -17.06
CA HIS B 13 15.32 -5.97 -16.72
C HIS B 13 14.58 -4.95 -17.57
N ASN B 14 14.46 -3.73 -17.03
CA ASN B 14 13.83 -2.65 -17.78
C ASN B 14 14.64 -2.29 -19.01
N LEU B 15 15.97 -2.23 -18.86
CA LEU B 15 16.87 -2.02 -19.98
C LEU B 15 17.34 -3.38 -20.47
N LYS B 16 16.67 -3.92 -21.48
CA LYS B 16 16.98 -5.27 -21.95
C LYS B 16 18.32 -5.34 -22.66
N ASN B 17 18.60 -4.41 -23.57
CA ASN B 17 19.86 -4.37 -24.30
C ASN B 17 20.41 -2.95 -24.22
N TYR B 18 21.64 -2.81 -23.75
CA TYR B 18 22.24 -1.48 -23.59
C TYR B 18 22.57 -0.86 -24.95
N GLU B 19 23.18 -1.64 -25.84
CA GLU B 19 23.75 -1.08 -27.05
C GLU B 19 22.68 -0.53 -27.98
N GLU B 20 21.62 -1.30 -28.22
CA GLU B 20 20.57 -0.85 -29.13
C GLU B 20 19.88 0.39 -28.60
N THR B 21 19.55 0.41 -27.31
CA THR B 21 18.90 1.59 -26.74
C THR B 21 19.83 2.80 -26.78
N TYR B 22 21.11 2.62 -26.44
CA TYR B 22 22.05 3.73 -26.50
C TYR B 22 22.18 4.27 -27.91
N ARG B 23 22.10 3.40 -28.91
CA ARG B 23 22.22 3.85 -30.29
C ARG B 23 20.94 4.52 -30.78
N HIS B 24 19.78 4.13 -30.24
CA HIS B 24 18.50 4.61 -30.76
C HIS B 24 17.75 5.58 -29.84
N PHE B 25 18.15 5.74 -28.58
CA PHE B 25 17.33 6.47 -27.62
C PHE B 25 17.30 7.96 -27.94
N ASP B 26 16.13 8.57 -27.76
CA ASP B 26 15.93 10.01 -27.87
C ASP B 26 15.07 10.45 -26.70
N TRP B 27 15.45 11.58 -26.09
CA TRP B 27 14.76 12.04 -24.88
C TRP B 27 13.30 12.38 -25.12
N ALA B 28 12.91 12.60 -26.37
CA ALA B 28 11.50 12.82 -26.68
C ALA B 28 10.67 11.59 -26.33
N GLU B 29 11.23 10.39 -26.52
CA GLU B 29 10.55 9.17 -26.08
C GLU B 29 10.38 9.14 -24.57
N ALA B 30 11.43 9.54 -23.83
CA ALA B 30 11.33 9.59 -22.37
C ALA B 30 10.31 10.60 -21.90
N GLU B 31 10.09 11.67 -22.67
CA GLU B 31 9.12 12.68 -22.28
C GLU B 31 7.69 12.18 -22.36
N LYS B 32 7.46 11.03 -23.02
CA LYS B 32 6.10 10.53 -23.21
C LYS B 32 5.50 9.92 -21.94
N HIS B 33 6.31 9.57 -20.95
CA HIS B 33 5.83 8.91 -19.75
C HIS B 33 5.24 9.87 -18.72
N PHE B 34 5.26 11.16 -19.02
CA PHE B 34 4.77 12.15 -18.07
C PHE B 34 3.44 12.72 -18.47
N SER B 35 2.65 13.16 -17.49
CA SER B 35 1.35 13.74 -17.79
C SER B 35 1.46 15.04 -18.59
N TRP B 36 2.45 15.87 -18.25
CA TRP B 36 2.58 17.15 -18.93
C TRP B 36 2.79 17.05 -20.43
N HIS B 37 3.25 15.90 -20.90
CA HIS B 37 3.45 15.75 -22.34
C HIS B 37 2.13 15.85 -23.09
N GLU B 38 1.03 15.45 -22.45
CA GLU B 38 -0.29 15.61 -23.05
C GLU B 38 -1.03 16.81 -22.45
N THR B 39 -1.12 16.88 -21.12
CA THR B 39 -1.90 17.93 -20.48
C THR B 39 -1.26 19.29 -20.65
N GLY B 40 0.07 19.36 -20.56
CA GLY B 40 0.79 20.61 -20.67
C GLY B 40 1.09 21.30 -19.36
N LYS B 41 0.75 20.69 -18.23
CA LYS B 41 1.00 21.26 -16.90
C LYS B 41 2.15 20.49 -16.27
N LEU B 42 3.27 21.18 -16.04
CA LEU B 42 4.52 20.55 -15.66
C LEU B 42 4.89 20.90 -14.23
N ASN B 43 5.26 19.89 -13.44
CA ASN B 43 5.77 20.07 -12.09
C ASN B 43 6.38 18.75 -11.64
N ALA B 44 7.62 18.80 -11.15
CA ALA B 44 8.30 17.58 -10.73
C ALA B 44 7.61 16.94 -9.54
N ALA B 45 7.16 17.75 -8.58
CA ALA B 45 6.49 17.22 -7.40
C ALA B 45 5.18 16.54 -7.75
N TYR B 46 4.41 17.12 -8.68
CA TYR B 46 3.18 16.48 -9.12
C TYR B 46 3.47 15.13 -9.78
N GLU B 47 4.51 15.09 -10.62
CA GLU B 47 4.85 13.85 -11.29
C GLU B 47 5.35 12.80 -10.30
N ALA B 48 5.95 13.22 -9.20
CA ALA B 48 6.49 12.27 -8.23
C ALA B 48 5.42 11.71 -7.30
N ILE B 49 4.40 12.50 -6.95
CA ILE B 49 3.46 12.09 -5.92
C ILE B 49 2.02 12.07 -6.41
N ASP B 50 1.52 13.23 -6.85
CA ASP B 50 0.08 13.36 -7.10
C ASP B 50 -0.36 12.58 -8.33
N ARG B 51 0.57 12.32 -9.25
CA ARG B 51 0.22 11.53 -10.43
C ARG B 51 -0.12 10.09 -10.04
N HIS B 52 0.63 9.52 -9.10
CA HIS B 52 0.38 8.15 -8.67
C HIS B 52 -0.81 8.06 -7.74
N ALA B 53 -1.01 9.08 -6.89
CA ALA B 53 -2.14 9.05 -5.96
C ALA B 53 -3.48 9.13 -6.68
N GLU B 54 -3.49 9.49 -7.97
CA GLU B 54 -4.70 9.49 -8.78
C GLU B 54 -4.73 8.32 -9.76
N SER B 55 -3.98 7.26 -9.48
CA SER B 55 -3.89 6.11 -10.36
C SER B 55 -4.10 4.83 -9.57
N PHE B 56 -3.80 3.69 -10.20
CA PHE B 56 -3.89 2.41 -9.51
C PHE B 56 -2.86 2.25 -8.40
N ARG B 57 -1.96 3.21 -8.23
CA ARG B 57 -1.00 3.23 -7.14
C ARG B 57 -1.46 4.06 -5.95
N LYS B 58 -2.75 4.38 -5.87
CA LYS B 58 -3.23 5.26 -4.81
C LYS B 58 -3.02 4.65 -3.44
N ASN B 59 -3.31 3.36 -3.29
CA ASN B 59 -3.24 2.68 -2.01
C ASN B 59 -1.93 1.91 -1.84
N LYS B 60 -1.00 2.04 -2.78
CA LYS B 60 0.31 1.44 -2.63
C LYS B 60 1.11 2.22 -1.60
N VAL B 61 1.86 1.49 -0.76
CA VAL B 61 2.65 2.15 0.27
C VAL B 61 3.80 2.90 -0.39
N ALA B 62 3.79 4.22 -0.24
CA ALA B 62 4.84 5.06 -0.79
C ALA B 62 6.04 5.16 0.14
N LEU B 63 5.82 5.28 1.45
CA LEU B 63 6.90 5.56 2.39
C LEU B 63 6.77 4.68 3.63
N TYR B 64 7.86 4.01 3.98
CA TYR B 64 8.04 3.40 5.30
C TYR B 64 8.98 4.30 6.10
N TYR B 65 8.63 4.57 7.35
CA TYR B 65 9.50 5.27 8.27
C TYR B 65 9.73 4.43 9.51
N LYS B 66 10.99 4.30 9.91
CA LYS B 66 11.30 3.52 11.11
C LYS B 66 12.44 4.15 11.87
N ASP B 67 12.23 4.39 13.16
CA ASP B 67 13.29 4.80 14.06
C ASP B 67 13.07 4.09 15.40
N ALA B 68 13.78 4.53 16.43
CA ALA B 68 13.66 3.91 17.75
C ALA B 68 12.35 4.28 18.44
N LYS B 69 11.60 5.24 17.93
CA LYS B 69 10.40 5.72 18.60
C LYS B 69 9.14 5.66 17.75
N ARG B 70 9.24 5.73 16.43
CA ARG B 70 8.08 5.75 15.55
C ARG B 70 8.17 4.60 14.55
N ASP B 71 7.01 4.15 14.08
CA ASP B 71 6.90 3.11 13.06
C ASP B 71 5.65 3.43 12.24
N GLU B 72 5.82 4.19 11.17
CA GLU B 72 4.70 4.59 10.36
C GLU B 72 4.82 4.23 8.89
N LYS B 73 3.66 4.04 8.28
CA LYS B 73 3.56 3.71 6.87
C LYS B 73 2.59 4.68 6.21
N TYR B 74 3.00 5.23 5.07
CA TYR B 74 2.19 6.19 4.34
C TYR B 74 1.97 5.69 2.92
N THR B 75 0.75 5.84 2.42
CA THR B 75 0.47 5.51 1.03
C THR B 75 0.67 6.75 0.15
N PHE B 76 0.53 6.56 -1.16
CA PHE B 76 0.66 7.68 -2.07
C PHE B 76 -0.42 8.72 -1.84
N LYS B 77 -1.64 8.27 -1.52
CA LYS B 77 -2.70 9.20 -1.16
C LYS B 77 -2.36 9.98 0.11
N GLU B 78 -1.85 9.28 1.13
CA GLU B 78 -1.49 9.95 2.38
C GLU B 78 -0.30 10.88 2.18
N MET B 79 0.69 10.46 1.40
CA MET B 79 1.81 11.34 1.08
C MET B 79 1.35 12.60 0.36
N LYS B 80 0.44 12.44 -0.61
CA LYS B 80 -0.10 13.59 -1.33
C LYS B 80 -0.83 14.52 -0.37
N GLU B 81 -1.64 13.97 0.54
CA GLU B 81 -2.38 14.80 1.47
C GLU B 81 -1.45 15.57 2.40
N GLU B 82 -0.43 14.89 2.93
CA GLU B 82 0.52 15.57 3.81
C GLU B 82 1.31 16.64 3.06
N SER B 83 1.72 16.36 1.82
CA SER B 83 2.43 17.36 1.03
C SER B 83 1.54 18.57 0.73
N ASN B 84 0.27 18.35 0.41
CA ASN B 84 -0.65 19.46 0.19
C ASN B 84 -0.82 20.28 1.46
N ARG B 85 -0.92 19.60 2.61
CA ARG B 85 -1.02 20.32 3.88
C ARG B 85 0.21 21.18 4.14
N ALA B 86 1.40 20.62 3.91
CA ALA B 86 2.63 21.37 4.11
C ALA B 86 2.72 22.55 3.15
N GLY B 87 2.32 22.36 1.89
CA GLY B 87 2.32 23.45 0.94
C GLY B 87 1.38 24.57 1.35
N ASN B 88 0.19 24.21 1.83
CA ASN B 88 -0.75 25.22 2.31
C ASN B 88 -0.18 25.96 3.52
N VAL B 89 0.48 25.23 4.42
CA VAL B 89 1.09 25.88 5.58
C VAL B 89 2.14 26.88 5.14
N LEU B 90 3.01 26.48 4.21
CA LEU B 90 4.05 27.39 3.74
C LEU B 90 3.44 28.60 3.04
N ARG B 91 2.46 28.38 2.16
CA ARG B 91 1.86 29.49 1.43
C ARG B 91 1.17 30.47 2.37
N ARG B 92 0.51 29.98 3.41
CA ARG B 92 -0.26 30.86 4.26
C ARG B 92 0.60 31.57 5.30
N TYR B 93 1.50 30.84 5.95
CA TYR B 93 2.27 31.42 7.05
C TYR B 93 3.63 31.97 6.63
N GLY B 94 4.33 31.31 5.71
CA GLY B 94 5.64 31.78 5.32
C GLY B 94 5.59 32.76 4.17
N ASN B 95 4.40 32.97 3.61
CA ASN B 95 4.19 33.89 2.49
C ASN B 95 5.11 33.54 1.32
N VAL B 96 5.33 32.25 1.11
CA VAL B 96 6.25 31.78 0.07
C VAL B 96 5.56 31.86 -1.28
N GLU B 97 6.21 32.48 -2.24
CA GLU B 97 5.72 32.58 -3.60
C GLU B 97 6.66 31.86 -4.55
N LYS B 98 6.27 31.84 -5.83
CA LYS B 98 7.06 31.14 -6.84
C LYS B 98 8.45 31.73 -6.95
N GLY B 99 9.46 30.87 -6.91
CA GLY B 99 10.84 31.28 -7.01
C GLY B 99 11.54 31.49 -5.68
N ASP B 100 10.80 31.53 -4.58
CA ASP B 100 11.41 31.75 -3.28
C ASP B 100 12.24 30.53 -2.87
N ARG B 101 13.22 30.76 -2.01
CA ARG B 101 14.04 29.68 -1.48
C ARG B 101 13.53 29.31 -0.09
N VAL B 102 13.13 28.05 0.06
CA VAL B 102 12.69 27.50 1.35
C VAL B 102 13.74 26.50 1.78
N PHE B 103 14.34 26.72 2.93
CA PHE B 103 15.39 25.84 3.43
C PHE B 103 14.87 24.97 4.57
N ILE B 104 15.24 23.71 4.53
CA ILE B 104 14.72 22.69 5.44
C ILE B 104 15.90 22.15 6.24
N PHE B 105 15.88 22.36 7.55
CA PHE B 105 17.00 22.07 8.45
C PHE B 105 16.50 21.18 9.58
N MET B 106 16.51 19.86 9.35
CA MET B 106 15.93 18.91 10.30
C MET B 106 16.52 17.54 10.01
N PRO B 107 16.46 16.63 10.99
CA PRO B 107 16.82 15.23 10.70
C PRO B 107 15.77 14.57 9.82
N ARG B 108 16.15 13.41 9.28
CA ARG B 108 15.25 12.67 8.41
C ARG B 108 14.00 12.26 9.17
N SER B 109 12.84 12.48 8.56
CA SER B 109 11.55 12.28 9.19
C SER B 109 10.48 12.46 8.13
N PRO B 110 9.30 11.86 8.32
CA PRO B 110 8.21 12.09 7.36
C PRO B 110 7.88 13.56 7.16
N GLU B 111 7.98 14.36 8.22
CA GLU B 111 7.69 15.78 8.10
C GLU B 111 8.66 16.46 7.14
N LEU B 112 9.92 16.03 7.13
CA LEU B 112 10.89 16.59 6.19
C LEU B 112 10.43 16.41 4.75
N TYR B 113 10.04 15.18 4.39
CA TYR B 113 9.60 14.91 3.03
C TYR B 113 8.30 15.63 2.70
N PHE B 114 7.36 15.67 3.65
CA PHE B 114 6.11 16.39 3.40
C PHE B 114 6.39 17.86 3.14
N ILE B 115 7.27 18.47 3.93
CA ILE B 115 7.55 19.89 3.79
C ILE B 115 8.29 20.18 2.49
N MET B 116 9.27 19.33 2.14
CA MET B 116 9.99 19.55 0.90
C MET B 116 9.07 19.41 -0.31
N LEU B 117 8.21 18.39 -0.31
CA LEU B 117 7.28 18.21 -1.41
C LEU B 117 6.30 19.37 -1.49
N GLY B 118 5.80 19.85 -0.35
CA GLY B 118 4.89 20.97 -0.35
C GLY B 118 5.55 22.25 -0.86
N ALA B 119 6.81 22.46 -0.49
CA ALA B 119 7.54 23.62 -0.98
C ALA B 119 7.73 23.56 -2.49
N ILE B 120 8.12 22.39 -3.01
CA ILE B 120 8.33 22.27 -4.44
C ILE B 120 7.00 22.37 -5.20
N LYS B 121 5.91 21.91 -4.59
CA LYS B 121 4.61 21.96 -5.26
C LYS B 121 4.14 23.39 -5.52
N ILE B 122 4.42 24.31 -4.59
CA ILE B 122 3.93 25.68 -4.69
C ILE B 122 4.91 26.58 -5.44
N GLY B 123 5.92 26.00 -6.10
CA GLY B 123 6.84 26.76 -6.90
C GLY B 123 8.10 27.22 -6.21
N ALA B 124 8.23 26.98 -4.92
CA ALA B 124 9.43 27.40 -4.22
C ALA B 124 10.61 26.51 -4.60
N ILE B 125 11.80 26.98 -4.28
CA ILE B 125 13.04 26.23 -4.50
C ILE B 125 13.48 25.66 -3.16
N ALA B 126 13.48 24.35 -3.04
CA ALA B 126 13.77 23.67 -1.78
C ALA B 126 15.26 23.45 -1.62
N GLY B 127 15.79 23.84 -0.46
CA GLY B 127 17.17 23.58 -0.13
C GLY B 127 17.30 22.86 1.19
N PRO B 128 17.78 21.63 1.16
CA PRO B 128 17.98 20.88 2.41
C PRO B 128 19.34 21.18 3.02
N LEU B 129 19.38 21.24 4.34
CA LEU B 129 20.60 21.42 5.10
C LEU B 129 20.84 20.21 5.97
N PHE B 130 22.10 19.78 6.05
CA PHE B 130 22.48 18.67 6.90
C PHE B 130 22.24 19.03 8.37
N GLU B 131 21.69 18.09 9.13
CA GLU B 131 21.42 18.28 10.55
C GLU B 131 22.66 18.62 11.35
N ALA B 132 23.84 18.19 10.91
CA ALA B 132 25.08 18.36 11.66
C ALA B 132 25.77 19.69 11.39
N PHE B 133 25.18 20.54 10.55
CA PHE B 133 25.79 21.84 10.28
C PHE B 133 25.78 22.71 11.52
N MET B 134 26.88 23.41 11.75
CA MET B 134 27.00 24.34 12.86
C MET B 134 26.43 25.69 12.47
N GLU B 135 26.69 26.70 13.30
CA GLU B 135 26.17 28.04 13.03
C GLU B 135 26.77 28.63 11.76
N GLY B 136 28.06 28.39 11.53
CA GLY B 136 28.72 29.02 10.40
C GLY B 136 28.17 28.58 9.05
N ALA B 137 28.06 27.26 8.85
CA ALA B 137 27.59 26.75 7.56
C ALA B 137 26.15 27.16 7.30
N VAL B 138 25.29 27.06 8.32
CA VAL B 138 23.91 27.48 8.17
C VAL B 138 23.84 28.96 7.83
N LYS B 139 24.66 29.78 8.50
CA LYS B 139 24.66 31.21 8.22
C LYS B 139 25.06 31.48 6.77
N ASP B 140 26.14 30.86 6.30
CA ASP B 140 26.58 31.09 4.93
C ASP B 140 25.53 30.65 3.92
N ARG B 141 24.93 29.49 4.14
CA ARG B 141 23.98 28.97 3.15
C ARG B 141 22.67 29.75 3.17
N LEU B 142 22.27 30.28 4.33
CA LEU B 142 21.07 31.10 4.38
C LEU B 142 21.32 32.52 3.87
N GLU B 143 22.58 32.98 3.92
CA GLU B 143 22.89 34.31 3.43
C GLU B 143 23.06 34.31 1.91
N ASN B 144 23.78 33.31 1.38
CA ASN B 144 24.02 33.27 -0.06
C ASN B 144 22.73 33.11 -0.84
N SER B 145 21.83 32.25 -0.35
CA SER B 145 20.57 32.00 -1.04
C SER B 145 19.51 33.06 -0.78
N GLU B 146 19.71 33.93 0.21
CA GLU B 146 18.70 34.88 0.64
C GLU B 146 17.40 34.16 0.95
N ALA B 147 17.53 33.04 1.67
CA ALA B 147 16.39 32.18 1.95
C ALA B 147 15.33 32.92 2.75
N LYS B 148 14.09 32.85 2.30
CA LYS B 148 12.98 33.53 2.95
C LYS B 148 12.47 32.77 4.17
N VAL B 149 12.46 31.44 4.11
CA VAL B 149 11.87 30.60 5.14
C VAL B 149 12.84 29.48 5.48
N VAL B 150 13.00 29.20 6.77
CA VAL B 150 13.74 28.04 7.24
C VAL B 150 12.83 27.23 8.15
N VAL B 151 12.78 25.91 7.92
CA VAL B 151 11.97 25.00 8.73
C VAL B 151 12.92 24.08 9.49
N THR B 152 12.75 24.01 10.81
CA THR B 152 13.72 23.33 11.64
C THR B 152 12.99 22.69 12.84
N THR B 153 13.77 22.14 13.75
CA THR B 153 13.33 21.50 14.97
C THR B 153 13.83 22.27 16.18
N PRO B 154 13.21 22.09 17.35
CA PRO B 154 13.69 22.81 18.54
C PRO B 154 15.15 22.55 18.88
N GLU B 155 15.65 21.34 18.58
CA GLU B 155 17.03 21.02 18.89
C GLU B 155 18.01 21.87 18.08
N LEU B 156 17.75 22.05 16.79
CA LEU B 156 18.64 22.81 15.92
C LEU B 156 18.21 24.27 15.75
N LEU B 157 17.17 24.71 16.46
CA LEU B 157 16.73 26.10 16.34
C LEU B 157 17.81 27.06 16.85
N GLU B 158 18.61 26.61 17.81
CA GLU B 158 19.66 27.45 18.37
C GLU B 158 20.86 27.63 17.45
N ARG B 159 20.97 26.83 16.39
CA ARG B 159 22.10 26.91 15.49
C ARG B 159 21.90 27.89 14.35
N ILE B 160 20.74 28.52 14.25
CA ILE B 160 20.46 29.47 13.17
C ILE B 160 20.52 30.88 13.76
N PRO B 161 21.37 31.77 13.23
CA PRO B 161 21.42 33.18 13.65
C PRO B 161 20.42 34.06 12.91
N VAL B 162 19.19 34.12 13.44
CA VAL B 162 18.13 34.90 12.82
C VAL B 162 18.52 36.37 12.70
N ASP B 163 19.20 36.92 13.72
CA ASP B 163 19.53 38.33 13.73
C ASP B 163 20.51 38.73 12.63
N LYS B 164 21.33 37.79 12.15
CA LYS B 164 22.36 38.10 11.17
C LYS B 164 21.88 37.92 9.74
N LEU B 165 20.62 37.57 9.53
CA LEU B 165 20.07 37.31 8.20
C LEU B 165 18.90 38.26 7.94
N PRO B 166 19.13 39.39 7.27
CA PRO B 166 18.02 40.29 6.94
C PRO B 166 17.02 39.69 5.97
N HIS B 167 17.40 38.67 5.20
CA HIS B 167 16.52 38.09 4.20
C HIS B 167 15.70 36.92 4.71
N LEU B 168 15.79 36.59 6.00
CA LEU B 168 15.01 35.50 6.57
C LEU B 168 13.83 36.07 7.34
N GLN B 169 12.61 35.80 6.86
CA GLN B 169 11.39 36.30 7.49
C GLN B 169 10.80 35.34 8.51
N HIS B 170 10.64 34.07 8.16
CA HIS B 170 9.88 33.14 8.97
C HIS B 170 10.72 31.92 9.32
N VAL B 171 10.52 31.42 10.54
CA VAL B 171 11.19 30.20 11.01
C VAL B 171 10.12 29.23 11.50
N PHE B 172 10.01 28.09 10.84
CA PHE B 172 9.04 27.07 11.21
C PHE B 172 9.70 26.02 12.10
N VAL B 173 9.04 25.72 13.21
CA VAL B 173 9.53 24.74 14.18
C VAL B 173 8.54 23.58 14.18
N VAL B 174 9.05 22.37 13.94
CA VAL B 174 8.24 21.15 13.95
C VAL B 174 8.58 20.36 15.21
N GLY B 175 7.54 19.95 15.94
CA GLY B 175 7.71 19.23 17.17
C GLY B 175 8.09 20.15 18.33
N GLY B 176 8.01 19.60 19.54
CA GLY B 176 8.38 20.34 20.72
C GLY B 176 7.40 21.46 21.06
N GLU B 177 7.50 21.98 22.27
CA GLU B 177 6.62 23.07 22.72
C GLU B 177 7.28 24.43 22.53
N ALA B 178 7.66 24.75 21.30
CA ALA B 178 8.33 26.01 21.02
C ALA B 178 7.33 27.16 21.09
N GLU B 179 7.69 28.21 21.83
CA GLU B 179 6.82 29.38 21.94
C GLU B 179 6.93 30.22 20.67
N SER B 180 5.78 30.42 20.00
CA SER B 180 5.76 31.15 18.75
C SER B 180 6.10 32.61 18.95
N GLY B 181 7.30 33.02 18.50
CA GLY B 181 7.73 34.40 18.62
C GLY B 181 7.28 35.24 17.44
N THR B 182 7.96 36.39 17.28
CA THR B 182 7.65 37.29 16.19
C THR B 182 7.92 36.65 14.83
N ASN B 183 8.97 35.83 14.72
CA ASN B 183 9.31 35.17 13.47
C ASN B 183 9.33 33.65 13.60
N ILE B 184 8.79 33.10 14.67
CA ILE B 184 8.78 31.66 14.91
C ILE B 184 7.34 31.18 14.88
N ILE B 185 7.06 30.17 14.07
CA ILE B 185 5.75 29.55 13.97
C ILE B 185 5.91 28.05 14.21
N ASN B 186 5.14 27.51 15.15
CA ASN B 186 5.20 26.07 15.41
C ASN B 186 4.42 25.34 14.34
N TYR B 187 5.10 24.43 13.62
CA TYR B 187 4.53 23.88 12.39
C TYR B 187 3.30 23.04 12.66
N ASP B 188 3.30 22.25 13.73
CA ASP B 188 2.25 21.25 13.93
C ASP B 188 0.88 21.89 14.10
N GLU B 189 0.80 22.97 14.89
CA GLU B 189 -0.49 23.62 15.11
C GLU B 189 -1.01 24.24 13.82
N ALA B 190 -0.13 24.87 13.03
CA ALA B 190 -0.55 25.43 11.76
C ALA B 190 -1.03 24.33 10.81
N ALA B 191 -0.32 23.20 10.78
CA ALA B 191 -0.69 22.10 9.89
C ALA B 191 -2.03 21.49 10.28
N LYS B 192 -2.30 21.37 11.58
CA LYS B 192 -3.53 20.73 12.04
C LYS B 192 -4.78 21.43 11.53
N GLN B 193 -4.71 22.74 11.26
CA GLN B 193 -5.86 23.51 10.82
C GLN B 193 -5.91 23.73 9.31
N GLU B 194 -4.96 23.16 8.56
CA GLU B 194 -4.87 23.40 7.13
C GLU B 194 -5.56 22.29 6.35
N SER B 195 -5.86 22.59 5.09
CA SER B 195 -6.56 21.63 4.23
C SER B 195 -5.58 20.66 3.59
N THR B 196 -6.13 19.58 3.03
CA THR B 196 -5.37 18.59 2.30
C THR B 196 -5.46 18.76 0.80
N ARG B 197 -6.10 19.83 0.32
CA ARG B 197 -6.20 20.12 -1.10
C ARG B 197 -5.37 21.37 -1.43
N LEU B 198 -4.47 21.22 -2.39
CA LEU B 198 -3.53 22.27 -2.74
C LEU B 198 -3.66 22.62 -4.21
N ASP B 199 -3.81 23.91 -4.51
CA ASP B 199 -3.79 24.39 -5.88
C ASP B 199 -2.33 24.48 -6.32
N ILE B 200 -1.87 23.50 -7.08
CA ILE B 200 -0.45 23.37 -7.40
C ILE B 200 -0.04 24.43 -8.40
N GLU B 201 1.11 25.06 -8.15
CA GLU B 201 1.67 26.05 -9.06
C GLU B 201 2.28 25.34 -10.26
N TRP B 202 1.67 25.51 -11.43
CA TRP B 202 2.17 24.89 -12.64
C TRP B 202 3.34 25.69 -13.18
N MET B 203 4.43 25.00 -13.50
CA MET B 203 5.72 25.63 -13.70
C MET B 203 6.21 25.41 -15.13
N ASP B 204 7.42 25.91 -15.39
CA ASP B 204 8.08 25.74 -16.68
C ASP B 204 9.34 24.92 -16.50
N LYS B 205 9.73 24.22 -17.57
CA LYS B 205 10.81 23.24 -17.47
C LYS B 205 12.16 23.89 -17.15
N LYS B 206 12.27 25.21 -17.32
CA LYS B 206 13.52 25.91 -17.03
C LYS B 206 13.49 26.65 -15.70
N ASP B 207 12.49 26.41 -14.86
CA ASP B 207 12.45 27.01 -13.55
C ASP B 207 13.08 26.08 -12.52
N GLY B 208 13.83 26.66 -11.58
CA GLY B 208 14.50 25.83 -10.59
C GLY B 208 13.56 25.32 -9.53
N PHE B 209 13.88 24.12 -9.03
CA PHE B 209 13.14 23.52 -7.91
C PHE B 209 14.02 22.93 -6.83
N LEU B 210 15.33 22.83 -7.02
CA LEU B 210 16.24 22.36 -5.98
C LEU B 210 17.44 23.29 -5.92
N LEU B 211 17.98 23.49 -4.71
CA LEU B 211 19.17 24.31 -4.51
C LEU B 211 20.06 23.58 -3.50
N HIS B 212 21.17 23.03 -3.98
CA HIS B 212 22.07 22.23 -3.18
C HIS B 212 23.42 22.92 -3.08
N TYR B 213 23.95 23.04 -1.87
CA TYR B 213 25.18 23.75 -1.62
C TYR B 213 26.33 22.78 -1.41
N THR B 214 27.41 22.99 -2.16
CA THR B 214 28.58 22.12 -2.13
C THR B 214 29.80 22.90 -1.68
N SER B 215 30.74 22.18 -1.06
CA SER B 215 32.00 22.79 -0.64
C SER B 215 32.87 23.03 -1.88
N GLY B 216 33.18 24.31 -2.14
CA GLY B 216 33.92 24.66 -3.34
C GLY B 216 35.42 24.57 -3.15
N SER B 217 36.13 24.56 -4.28
CA SER B 217 37.59 24.54 -4.24
C SER B 217 38.16 25.82 -3.65
N THR B 218 37.42 26.93 -3.77
CA THR B 218 37.86 28.21 -3.22
C THR B 218 37.49 28.37 -1.75
N GLY B 219 36.82 27.39 -1.15
CA GLY B 219 36.44 27.45 0.25
C GLY B 219 35.07 28.01 0.53
N THR B 220 34.40 28.60 -0.46
CA THR B 220 33.08 29.11 -0.15
C THR B 220 32.01 28.23 -0.78
N PRO B 221 30.91 27.97 -0.06
CA PRO B 221 29.83 27.16 -0.63
C PRO B 221 29.19 27.86 -1.80
N LYS B 222 28.77 27.07 -2.78
CA LYS B 222 28.08 27.57 -3.97
C LYS B 222 26.74 26.86 -4.10
N GLY B 223 25.73 27.58 -4.59
CA GLY B 223 24.41 27.02 -4.73
C GLY B 223 24.14 26.48 -6.12
N VAL B 224 24.02 25.15 -6.22
CA VAL B 224 23.74 24.50 -7.50
C VAL B 224 22.23 24.46 -7.69
N LEU B 225 21.75 25.02 -8.79
CA LEU B 225 20.33 25.10 -9.06
C LEU B 225 19.94 24.08 -10.13
N HIS B 226 18.95 23.27 -9.84
CA HIS B 226 18.40 22.29 -10.78
C HIS B 226 17.00 22.73 -11.19
N VAL B 227 16.65 22.45 -12.44
CA VAL B 227 15.36 22.85 -12.98
C VAL B 227 14.41 21.65 -12.99
N HIS B 228 13.13 21.94 -13.22
CA HIS B 228 12.13 20.88 -13.21
C HIS B 228 12.41 19.83 -14.29
N GLU B 229 12.93 20.25 -15.44
CA GLU B 229 13.14 19.34 -16.55
C GLU B 229 14.01 18.15 -16.18
N ALA B 230 14.86 18.31 -15.16
CA ALA B 230 15.72 17.22 -14.71
C ALA B 230 14.93 15.97 -14.37
N MET B 231 13.67 16.11 -13.93
CA MET B 231 12.88 14.93 -13.58
C MET B 231 12.87 13.92 -14.71
N ILE B 232 12.87 14.39 -15.95
CA ILE B 232 12.92 13.49 -17.10
C ILE B 232 14.05 12.49 -16.91
N GLN B 233 15.29 12.98 -16.82
CA GLN B 233 16.40 12.08 -16.58
C GLN B 233 16.24 11.35 -15.26
N GLN B 234 15.75 12.05 -14.24
CA GLN B 234 15.54 11.41 -12.94
C GLN B 234 14.60 10.22 -13.07
N TYR B 235 13.62 10.31 -13.97
CA TYR B 235 12.75 9.15 -14.22
C TYR B 235 13.52 8.05 -14.93
N GLN B 236 14.25 8.41 -16.00
CA GLN B 236 14.86 7.39 -16.84
C GLN B 236 15.95 6.64 -16.09
N THR B 237 16.83 7.37 -15.40
CA THR B 237 17.82 6.71 -14.56
C THR B 237 17.17 5.92 -13.44
N GLY B 238 15.97 6.32 -13.01
CA GLY B 238 15.25 5.54 -12.02
C GLY B 238 14.79 4.21 -12.58
N LYS B 239 14.59 4.13 -13.89
CA LYS B 239 14.10 2.90 -14.50
C LYS B 239 15.24 2.01 -14.98
N TRP B 240 16.30 2.61 -15.52
CA TRP B 240 17.41 1.84 -16.09
C TRP B 240 18.42 1.41 -15.02
N VAL B 241 18.92 2.36 -14.24
CA VAL B 241 19.96 2.08 -13.26
C VAL B 241 19.39 1.44 -12.01
N LEU B 242 18.33 2.02 -11.44
CA LEU B 242 17.70 1.44 -10.26
C LEU B 242 16.93 0.17 -10.57
N ASP B 243 16.43 0.03 -11.81
CA ASP B 243 15.66 -1.15 -12.22
C ASP B 243 14.44 -1.33 -11.32
N LEU B 244 13.69 -0.25 -11.15
CA LEU B 244 12.53 -0.27 -10.25
C LEU B 244 11.34 -0.92 -10.95
N LYS B 245 10.82 -1.98 -10.35
CA LYS B 245 9.59 -2.62 -10.79
C LYS B 245 8.43 -2.13 -9.92
N GLU B 246 7.26 -2.73 -10.14
CA GLU B 246 6.10 -2.37 -9.33
C GLU B 246 6.16 -3.02 -7.95
N GLU B 247 6.78 -4.19 -7.86
CA GLU B 247 6.85 -4.91 -6.59
C GLU B 247 8.22 -4.77 -5.93
N ASP B 248 8.83 -3.60 -6.04
CA ASP B 248 10.12 -3.38 -5.40
C ASP B 248 9.98 -2.51 -4.16
N ILE B 249 10.68 -2.90 -3.10
CA ILE B 249 10.88 -2.08 -1.91
C ILE B 249 12.23 -1.41 -2.03
N TYR B 250 12.24 -0.09 -2.08
CA TYR B 250 13.44 0.69 -2.33
C TYR B 250 13.89 1.38 -1.05
N TRP B 251 15.18 1.27 -0.74
CA TRP B 251 15.77 1.90 0.44
C TRP B 251 17.02 2.65 0.02
N CYS B 252 17.01 3.97 0.19
CA CYS B 252 18.18 4.81 -0.01
C CYS B 252 18.65 5.35 1.33
N THR B 253 19.90 5.07 1.68
CA THR B 253 20.43 5.39 3.00
C THR B 253 21.07 6.78 3.07
N ALA B 254 21.14 7.50 1.96
CA ALA B 254 21.73 8.83 1.97
C ALA B 254 20.79 9.82 2.67
N ASP B 255 21.39 10.79 3.37
CA ASP B 255 20.60 11.77 4.07
C ASP B 255 19.92 12.72 3.09
N PRO B 256 18.71 13.19 3.39
CA PRO B 256 18.07 14.17 2.51
C PRO B 256 18.81 15.50 2.44
N GLY B 257 19.70 15.77 3.40
CA GLY B 257 20.45 17.02 3.37
C GLY B 257 21.34 17.15 2.15
N TRP B 258 21.88 16.03 1.67
CA TRP B 258 22.73 16.06 0.49
C TRP B 258 21.91 15.85 -0.78
N VAL B 259 22.58 15.95 -1.92
CA VAL B 259 21.90 15.81 -3.21
C VAL B 259 21.47 14.37 -3.43
N THR B 260 22.26 13.41 -2.96
CA THR B 260 21.97 12.01 -3.18
C THR B 260 20.67 11.57 -2.51
N GLY B 261 20.39 12.01 -1.29
CA GLY B 261 19.18 11.63 -0.60
C GLY B 261 17.96 12.39 -1.05
N THR B 262 18.17 13.42 -1.87
CA THR B 262 17.09 14.22 -2.42
C THR B 262 16.68 13.76 -3.82
N VAL B 263 17.66 13.48 -4.68
CA VAL B 263 17.34 13.02 -6.03
C VAL B 263 16.94 11.56 -6.01
N TYR B 264 17.76 10.71 -5.39
CA TYR B 264 17.55 9.26 -5.40
C TYR B 264 16.99 8.74 -4.10
N GLY B 265 16.49 9.61 -3.23
CA GLY B 265 15.79 9.20 -2.04
C GLY B 265 14.38 9.74 -2.00
N ILE B 266 14.08 10.67 -2.91
CA ILE B 266 12.76 11.28 -2.97
C ILE B 266 12.18 11.16 -4.37
N PHE B 267 12.93 11.62 -5.38
CA PHE B 267 12.36 11.85 -6.69
C PHE B 267 12.50 10.65 -7.64
N ALA B 268 13.68 10.07 -7.73
CA ALA B 268 13.85 8.92 -8.63
C ALA B 268 12.93 7.77 -8.27
N PRO B 269 12.79 7.35 -7.00
CA PRO B 269 11.82 6.28 -6.72
C PRO B 269 10.38 6.68 -6.96
N TRP B 270 9.95 7.84 -6.47
CA TRP B 270 8.54 8.18 -6.53
C TRP B 270 8.09 8.59 -7.91
N LEU B 271 9.00 9.02 -8.79
CA LEU B 271 8.64 9.24 -10.19
C LEU B 271 8.29 7.93 -10.86
N ASN B 272 8.96 6.84 -10.48
CA ASN B 272 8.65 5.51 -10.97
C ASN B 272 7.54 4.83 -10.18
N GLY B 273 6.99 5.50 -9.16
CA GLY B 273 5.97 4.90 -8.34
C GLY B 273 6.43 3.76 -7.46
N ALA B 274 7.63 3.85 -6.89
CA ALA B 274 8.17 2.77 -6.08
C ALA B 274 7.87 3.00 -4.60
N THR B 275 8.28 2.04 -3.77
CA THR B 275 8.11 2.15 -2.33
C THR B 275 9.46 2.47 -1.69
N ASN B 276 9.52 3.59 -0.96
CA ASN B 276 10.73 4.11 -0.37
C ASN B 276 10.75 3.82 1.13
N VAL B 277 11.92 3.53 1.65
CA VAL B 277 12.12 3.23 3.07
C VAL B 277 13.11 4.23 3.64
N ILE B 278 12.77 4.79 4.80
CA ILE B 278 13.66 5.71 5.51
C ILE B 278 13.76 5.25 6.96
N VAL B 279 14.98 5.21 7.48
CA VAL B 279 15.27 4.69 8.81
C VAL B 279 15.94 5.80 9.62
N GLY B 280 15.36 6.11 10.78
CA GLY B 280 15.94 7.10 11.67
C GLY B 280 17.02 6.53 12.56
N GLY B 281 17.69 7.42 13.28
CA GLY B 281 18.75 7.03 14.17
C GLY B 281 20.07 6.87 13.44
N ARG B 282 21.10 6.60 14.22
CA ARG B 282 22.45 6.41 13.68
C ARG B 282 22.60 5.03 13.08
N PHE B 283 23.62 4.88 12.24
CA PHE B 283 23.90 3.59 11.61
C PHE B 283 24.29 2.56 12.66
N SER B 284 23.82 1.33 12.46
CA SER B 284 24.22 0.19 13.26
C SER B 284 23.89 -1.05 12.44
N PRO B 285 24.80 -2.00 12.33
CA PRO B 285 24.53 -3.19 11.50
C PRO B 285 23.27 -3.93 11.94
N GLU B 286 23.00 -3.97 13.24
CA GLU B 286 21.76 -4.57 13.73
C GLU B 286 20.55 -3.89 13.10
N SER B 287 20.48 -2.56 13.19
CA SER B 287 19.32 -1.85 12.67
C SER B 287 19.17 -2.00 11.17
N TRP B 288 20.27 -1.89 10.43
CA TRP B 288 20.18 -1.96 8.98
C TRP B 288 19.79 -3.36 8.50
N TYR B 289 20.43 -4.39 9.04
CA TYR B 289 20.10 -5.75 8.65
C TYR B 289 18.68 -6.11 9.07
N GLY B 290 18.27 -5.67 10.26
CA GLY B 290 16.90 -5.94 10.69
C GLY B 290 15.87 -5.21 9.84
N THR B 291 16.18 -3.99 9.41
CA THR B 291 15.29 -3.28 8.49
C THR B 291 15.15 -4.02 7.17
N ILE B 292 16.28 -4.48 6.62
CA ILE B 292 16.23 -5.22 5.36
C ILE B 292 15.40 -6.48 5.52
N GLU B 293 15.62 -7.22 6.60
CA GLU B 293 14.90 -8.47 6.80
C GLU B 293 13.42 -8.24 7.05
N GLN B 294 13.08 -7.23 7.85
CA GLN B 294 11.69 -7.00 8.23
C GLN B 294 10.87 -6.44 7.08
N LEU B 295 11.40 -5.42 6.39
CA LEU B 295 10.67 -4.82 5.27
C LEU B 295 10.83 -5.57 3.97
N GLY B 296 11.78 -6.50 3.88
CA GLY B 296 11.99 -7.22 2.64
C GLY B 296 12.44 -6.32 1.52
N VAL B 297 13.43 -5.46 1.80
CA VAL B 297 13.88 -4.47 0.83
C VAL B 297 14.46 -5.18 -0.38
N ASN B 298 14.05 -4.76 -1.58
CA ASN B 298 14.48 -5.34 -2.84
C ASN B 298 15.60 -4.55 -3.50
N VAL B 299 15.45 -3.22 -3.56
CA VAL B 299 16.43 -2.33 -4.17
C VAL B 299 17.09 -1.53 -3.05
N TRP B 300 18.41 -1.52 -3.04
CA TRP B 300 19.20 -0.87 -2.01
C TRP B 300 20.15 0.12 -2.66
N TYR B 301 20.18 1.35 -2.17
CA TYR B 301 21.08 2.40 -2.65
C TYR B 301 21.83 2.97 -1.46
N SER B 302 23.13 2.71 -1.40
CA SER B 302 23.91 3.10 -0.23
C SER B 302 25.20 3.74 -0.69
N ALA B 303 26.13 3.93 0.24
CA ALA B 303 27.42 4.57 -0.01
C ALA B 303 28.54 3.62 0.37
N PRO B 304 29.70 3.75 -0.28
CA PRO B 304 30.80 2.81 0.01
C PRO B 304 31.25 2.81 1.45
N THR B 305 31.18 3.97 2.13
CA THR B 305 31.57 4.01 3.54
C THR B 305 30.63 3.16 4.39
N ALA B 306 29.32 3.28 4.14
CA ALA B 306 28.35 2.47 4.88
C ALA B 306 28.56 0.99 4.63
N PHE B 307 28.95 0.63 3.41
CA PHE B 307 29.27 -0.77 3.13
C PHE B 307 30.54 -1.21 3.85
N ARG B 308 31.51 -0.29 3.98
CA ARG B 308 32.75 -0.63 4.66
C ARG B 308 32.54 -0.84 6.15
N MET B 309 31.64 -0.08 6.76
CA MET B 309 31.37 -0.33 8.17
C MET B 309 30.65 -1.67 8.37
N LEU B 310 29.81 -2.06 7.40
CA LEU B 310 29.22 -3.40 7.43
C LEU B 310 30.27 -4.48 7.23
N MET B 311 31.29 -4.20 6.41
CA MET B 311 32.48 -5.04 6.38
C MET B 311 33.08 -5.18 7.76
N GLY B 312 33.25 -4.06 8.46
CA GLY B 312 33.83 -4.09 9.80
C GLY B 312 32.96 -4.85 10.78
N ALA B 313 31.65 -4.89 10.55
CA ALA B 313 30.77 -5.65 11.44
C ALA B 313 31.08 -7.14 11.40
N GLY B 314 31.31 -7.70 10.22
CA GLY B 314 31.63 -9.10 10.08
C GLY B 314 30.57 -9.88 9.33
N ASP B 315 30.99 -11.00 8.75
CA ASP B 315 30.08 -11.82 7.96
C ASP B 315 29.09 -12.58 8.84
N GLU B 316 29.53 -13.02 10.02
CA GLU B 316 28.64 -13.74 10.92
C GLU B 316 27.49 -12.86 11.38
N MET B 317 27.71 -11.55 11.44
CA MET B 317 26.66 -10.62 11.80
C MET B 317 25.54 -10.63 10.75
N ALA B 318 25.92 -10.66 9.47
CA ALA B 318 24.92 -10.68 8.41
C ALA B 318 24.28 -12.06 8.27
N ALA B 319 25.04 -13.11 8.58
CA ALA B 319 24.52 -14.47 8.42
C ALA B 319 23.32 -14.72 9.33
N LYS B 320 23.23 -13.99 10.44
CA LYS B 320 22.10 -14.16 11.35
C LYS B 320 20.80 -13.72 10.71
N TYR B 321 20.83 -12.64 9.94
CA TYR B 321 19.61 -12.08 9.35
C TYR B 321 19.33 -12.71 7.99
N ASP B 322 18.09 -12.52 7.54
CA ASP B 322 17.64 -13.03 6.25
C ASP B 322 17.72 -11.91 5.22
N LEU B 323 18.60 -12.07 4.23
CA LEU B 323 18.82 -11.06 3.21
C LEU B 323 18.48 -11.56 1.81
N THR B 324 17.56 -12.51 1.69
CA THR B 324 17.23 -13.07 0.37
C THR B 324 16.32 -12.14 -0.41
N SER B 325 15.70 -11.17 0.27
CA SER B 325 14.77 -10.27 -0.41
C SER B 325 15.49 -9.31 -1.35
N LEU B 326 16.74 -8.98 -1.04
CA LEU B 326 17.50 -8.05 -1.87
C LEU B 326 17.70 -8.63 -3.27
N ARG B 327 17.50 -7.79 -4.29
CA ARG B 327 17.73 -8.18 -5.67
C ARG B 327 18.57 -7.20 -6.46
N HIS B 328 18.80 -5.99 -5.95
CA HIS B 328 19.60 -4.99 -6.65
C HIS B 328 20.26 -4.09 -5.62
N VAL B 329 21.58 -3.93 -5.72
CA VAL B 329 22.36 -3.14 -4.78
C VAL B 329 23.20 -2.15 -5.58
N LEU B 330 23.21 -0.89 -5.14
CA LEU B 330 23.91 0.19 -5.83
C LEU B 330 24.65 1.05 -4.83
N SER B 331 25.77 1.62 -5.28
CA SER B 331 26.63 2.45 -4.46
C SER B 331 26.95 3.75 -5.19
N VAL B 332 27.18 4.81 -4.42
CA VAL B 332 27.40 6.13 -4.98
C VAL B 332 28.08 7.01 -3.94
N GLY B 333 28.76 8.06 -4.40
CA GLY B 333 29.38 9.06 -3.54
C GLY B 333 30.89 8.98 -3.49
N GLU B 334 31.45 7.83 -3.89
CA GLU B 334 32.88 7.61 -3.81
C GLU B 334 33.21 6.46 -4.75
N PRO B 335 34.43 6.45 -5.32
CA PRO B 335 34.77 5.29 -6.14
C PRO B 335 34.73 4.04 -5.28
N LEU B 336 34.18 2.95 -5.81
CA LEU B 336 34.02 1.74 -5.00
C LEU B 336 35.20 0.79 -5.02
N ASN B 337 35.79 0.53 -3.85
CA ASN B 337 36.86 -0.45 -3.77
C ASN B 337 36.32 -1.81 -4.18
N PRO B 338 36.92 -2.45 -5.19
CA PRO B 338 36.33 -3.71 -5.69
C PRO B 338 36.36 -4.85 -4.68
N GLU B 339 37.14 -4.73 -3.60
CA GLU B 339 37.05 -5.74 -2.53
C GLU B 339 35.67 -5.74 -1.89
N VAL B 340 35.05 -4.57 -1.78
CA VAL B 340 33.67 -4.49 -1.31
C VAL B 340 32.76 -5.25 -2.27
N ILE B 341 33.09 -5.26 -3.56
CA ILE B 341 32.29 -6.01 -4.53
C ILE B 341 32.35 -7.51 -4.23
N ARG B 342 33.55 -8.04 -3.98
CA ARG B 342 33.64 -9.44 -3.61
C ARG B 342 32.88 -9.72 -2.32
N TRP B 343 33.00 -8.83 -1.34
CA TRP B 343 32.32 -9.08 -0.06
C TRP B 343 30.81 -9.09 -0.23
N GLY B 344 30.28 -8.17 -1.05
CA GLY B 344 28.85 -8.17 -1.31
C GLY B 344 28.39 -9.42 -2.04
N HIS B 345 29.18 -9.86 -3.03
CA HIS B 345 28.84 -11.08 -3.75
C HIS B 345 28.96 -12.31 -2.86
N LYS B 346 29.76 -12.21 -1.79
CA LYS B 346 29.87 -13.29 -0.83
C LYS B 346 28.70 -13.30 0.14
N VAL B 347 28.27 -12.11 0.59
CA VAL B 347 27.26 -12.04 1.65
C VAL B 347 25.86 -12.08 1.05
N PHE B 348 25.50 -11.09 0.25
CA PHE B 348 24.17 -11.04 -0.35
C PHE B 348 24.07 -11.89 -1.60
N ASN B 349 25.19 -12.38 -2.10
CA ASN B 349 25.26 -13.05 -3.41
C ASN B 349 24.59 -12.13 -4.44
N LYS B 350 25.20 -10.97 -4.64
CA LYS B 350 24.71 -9.94 -5.54
C LYS B 350 25.88 -9.11 -6.04
N ARG B 351 25.67 -8.41 -7.14
CA ARG B 351 26.67 -7.48 -7.66
C ARG B 351 26.35 -6.08 -7.17
N ILE B 352 27.34 -5.40 -6.60
CA ILE B 352 27.16 -4.01 -6.18
C ILE B 352 27.41 -3.12 -7.39
N HIS B 353 26.42 -2.30 -7.74
CA HIS B 353 26.45 -1.51 -8.96
C HIS B 353 26.95 -0.11 -8.63
N ASP B 354 28.16 0.21 -9.08
CA ASP B 354 28.73 1.53 -8.85
C ASP B 354 28.20 2.52 -9.88
N THR B 355 27.86 3.73 -9.43
CA THR B 355 27.37 4.79 -10.28
C THR B 355 28.17 6.06 -9.99
N TRP B 356 28.29 6.91 -11.00
CA TRP B 356 29.03 8.16 -10.88
C TRP B 356 28.18 9.33 -11.31
N TRP B 357 28.15 10.37 -10.48
CA TRP B 357 27.58 11.67 -10.82
C TRP B 357 27.97 12.65 -9.72
N MET B 358 27.67 13.92 -9.94
CA MET B 358 27.99 14.97 -8.99
C MET B 358 26.76 15.84 -8.77
N THR B 359 26.87 16.75 -7.81
CA THR B 359 25.76 17.64 -7.50
C THR B 359 25.39 18.51 -8.70
N GLU B 360 26.38 18.84 -9.54
CA GLU B 360 26.12 19.69 -10.68
C GLU B 360 25.45 18.93 -11.83
N THR B 361 25.50 17.59 -11.79
CA THR B 361 25.00 16.79 -12.89
C THR B 361 23.52 16.43 -12.76
N GLY B 362 22.94 16.56 -11.57
CA GLY B 362 21.53 16.33 -11.37
C GLY B 362 21.09 14.89 -11.23
N SER B 363 21.71 13.97 -11.96
CA SER B 363 21.37 12.55 -11.90
C SER B 363 22.58 11.76 -12.37
N GLN B 364 22.50 10.44 -12.22
CA GLN B 364 23.62 9.60 -12.61
C GLN B 364 23.86 9.69 -14.12
N LEU B 365 25.13 9.64 -14.50
CA LEU B 365 25.51 9.74 -15.90
C LEU B 365 26.17 8.44 -16.38
N ILE B 366 27.17 7.97 -15.64
CA ILE B 366 27.93 6.78 -16.00
C ILE B 366 27.69 5.73 -14.92
N CYS B 367 27.16 4.57 -15.31
CA CYS B 367 26.65 3.60 -14.36
C CYS B 367 26.91 2.18 -14.83
N ASN B 368 26.76 1.24 -13.91
CA ASN B 368 26.65 -0.17 -14.22
C ASN B 368 25.18 -0.53 -14.34
N TYR B 369 24.88 -1.53 -15.15
CA TYR B 369 23.50 -1.87 -15.44
C TYR B 369 23.22 -3.34 -15.13
N PRO B 370 21.96 -3.67 -14.82
CA PRO B 370 21.63 -5.09 -14.58
C PRO B 370 21.87 -5.97 -15.79
N CYS B 371 21.77 -5.44 -17.00
CA CYS B 371 21.94 -6.20 -18.22
C CYS B 371 23.38 -6.19 -18.73
N MET B 372 24.29 -5.55 -18.00
CA MET B 372 25.67 -5.40 -18.44
C MET B 372 26.62 -6.05 -17.45
N ASP B 373 27.71 -6.57 -17.98
CA ASP B 373 28.78 -7.09 -17.11
C ASP B 373 29.38 -5.95 -16.30
N ILE B 374 29.76 -6.27 -15.07
CA ILE B 374 30.36 -5.29 -14.17
C ILE B 374 31.84 -5.62 -14.04
N LYS B 375 32.69 -4.70 -14.50
CA LYS B 375 34.13 -4.83 -14.30
C LYS B 375 34.46 -4.19 -12.96
N PRO B 376 35.02 -4.93 -12.00
CA PRO B 376 35.27 -4.36 -10.68
C PRO B 376 36.16 -3.12 -10.73
N GLY B 377 35.68 -2.05 -10.10
CA GLY B 377 36.40 -0.81 -10.03
C GLY B 377 36.01 0.21 -11.07
N SER B 378 35.25 -0.18 -12.08
CA SER B 378 34.88 0.74 -13.15
C SER B 378 33.55 1.41 -12.85
N MET B 379 33.44 2.67 -13.28
CA MET B 379 32.19 3.41 -13.13
C MET B 379 31.12 2.92 -14.09
N GLY B 380 31.50 2.31 -15.20
CA GLY B 380 30.54 1.80 -16.16
C GLY B 380 30.50 2.56 -17.46
N LYS B 381 29.31 2.73 -18.02
CA LYS B 381 29.12 3.39 -19.30
C LYS B 381 28.07 4.48 -19.18
N PRO B 382 28.14 5.52 -20.03
CA PRO B 382 27.13 6.58 -19.97
C PRO B 382 25.74 6.05 -20.28
N ILE B 383 24.74 6.67 -19.66
CA ILE B 383 23.35 6.28 -19.88
C ILE B 383 22.97 6.65 -21.31
N PRO B 384 22.06 5.92 -21.94
CA PRO B 384 21.57 6.32 -23.26
C PRO B 384 20.98 7.72 -23.23
N GLY B 385 21.27 8.49 -24.27
CA GLY B 385 20.89 9.89 -24.33
C GLY B 385 21.91 10.84 -23.75
N VAL B 386 23.03 10.34 -23.23
CA VAL B 386 24.09 11.15 -22.65
C VAL B 386 25.42 10.69 -23.27
N GLU B 387 26.20 11.66 -23.75
CA GLU B 387 27.48 11.39 -24.37
C GLU B 387 28.59 11.88 -23.45
N ALA B 388 29.55 11.00 -23.16
CA ALA B 388 30.69 11.32 -22.32
C ALA B 388 31.97 10.96 -23.04
N ALA B 389 33.07 11.59 -22.64
CA ALA B 389 34.36 11.37 -23.28
C ALA B 389 35.49 11.75 -22.33
N ILE B 390 36.69 11.35 -22.70
CA ILE B 390 37.92 11.78 -22.04
C ILE B 390 38.59 12.80 -22.95
N VAL B 391 38.66 14.06 -22.48
CA VAL B 391 39.16 15.15 -23.29
C VAL B 391 40.39 15.75 -22.64
N ASP B 392 41.23 16.37 -23.47
CA ASP B 392 42.37 17.12 -22.99
C ASP B 392 41.95 18.54 -22.64
N ASN B 393 42.94 19.42 -22.41
CA ASN B 393 42.64 20.80 -22.06
C ASN B 393 42.13 21.62 -23.24
N GLN B 394 42.26 21.11 -24.47
CA GLN B 394 41.79 21.81 -25.66
C GLN B 394 40.46 21.29 -26.17
N GLY B 395 39.81 20.37 -25.46
CA GLY B 395 38.54 19.85 -25.87
C GLY B 395 38.58 18.75 -26.90
N ASN B 396 39.73 18.14 -27.12
CA ASN B 396 39.85 17.06 -28.11
C ASN B 396 39.72 15.71 -27.41
N GLU B 397 38.95 14.81 -28.02
CA GLU B 397 38.77 13.48 -27.47
C GLU B 397 40.09 12.73 -27.44
N LEU B 398 40.29 11.94 -26.40
CA LEU B 398 41.51 11.16 -26.35
C LEU B 398 41.21 9.69 -26.67
N PRO B 399 42.18 8.97 -27.23
CA PRO B 399 41.98 7.54 -27.49
C PRO B 399 41.93 6.76 -26.18
N PRO B 400 41.42 5.53 -26.21
CA PRO B 400 41.30 4.75 -24.98
C PRO B 400 42.65 4.51 -24.33
N TYR B 401 42.63 4.34 -23.01
CA TYR B 401 43.77 4.06 -22.13
C TYR B 401 44.66 5.27 -21.91
N ARG B 402 44.25 6.45 -22.35
CA ARG B 402 45.01 7.68 -22.11
C ARG B 402 44.33 8.52 -21.04
N MET B 403 45.10 8.93 -20.05
CA MET B 403 44.58 9.76 -18.96
C MET B 403 44.12 11.11 -19.48
N GLY B 404 43.03 11.61 -18.92
CA GLY B 404 42.52 12.91 -19.32
C GLY B 404 41.40 13.35 -18.42
N ASN B 405 40.81 14.49 -18.77
CA ASN B 405 39.70 15.04 -18.00
C ASN B 405 38.40 14.39 -18.44
N LEU B 406 37.57 14.00 -17.47
CA LEU B 406 36.27 13.42 -17.78
C LEU B 406 35.29 14.52 -18.13
N ALA B 407 34.80 14.52 -19.37
CA ALA B 407 33.88 15.54 -19.83
C ALA B 407 32.60 14.89 -20.32
N ILE B 408 31.51 15.64 -20.24
CA ILE B 408 30.20 15.19 -20.70
C ILE B 408 29.69 16.19 -21.72
N LYS B 409 29.14 15.70 -22.83
CA LYS B 409 28.60 16.60 -23.83
C LYS B 409 27.44 17.40 -23.25
N LYS B 410 27.51 18.72 -23.39
CA LYS B 410 26.55 19.60 -22.77
C LYS B 410 25.16 19.41 -23.37
N GLY B 411 24.14 19.42 -22.51
CA GLY B 411 22.77 19.45 -22.98
C GLY B 411 21.82 18.40 -22.42
N TRP B 412 22.28 17.58 -21.48
CA TRP B 412 21.40 16.59 -20.88
C TRP B 412 20.36 17.27 -20.00
N PRO B 413 19.18 16.66 -19.83
CA PRO B 413 18.10 17.33 -19.11
C PRO B 413 18.42 17.68 -17.67
N SER B 414 19.22 16.87 -16.97
CA SER B 414 19.47 17.06 -15.56
C SER B 414 20.63 17.98 -15.27
N MET B 415 21.12 18.71 -16.27
CA MET B 415 22.18 19.67 -16.05
C MET B 415 21.73 20.76 -15.10
N MET B 416 22.66 21.25 -14.28
CA MET B 416 22.38 22.41 -13.45
C MET B 416 22.09 23.62 -14.34
N HIS B 417 21.12 24.43 -13.94
CA HIS B 417 20.78 25.60 -14.74
C HIS B 417 21.81 26.70 -14.55
N THR B 418 22.29 26.88 -13.32
CA THR B 418 23.28 27.91 -13.01
C THR B 418 23.87 27.63 -11.64
N ILE B 419 24.85 28.44 -11.27
CA ILE B 419 25.33 28.50 -9.90
C ILE B 419 24.75 29.75 -9.27
N TRP B 420 24.11 29.60 -8.12
CA TRP B 420 23.30 30.67 -7.55
C TRP B 420 24.09 31.95 -7.35
N ASN B 421 23.67 33.00 -8.04
CA ASN B 421 24.22 34.35 -7.89
C ASN B 421 25.71 34.39 -8.18
N ASN B 422 26.19 33.58 -9.13
CA ASN B 422 27.58 33.60 -9.53
C ASN B 422 27.68 32.94 -10.91
N PRO B 423 27.47 33.72 -11.98
CA PRO B 423 27.56 33.13 -13.32
C PRO B 423 28.96 32.74 -13.73
N GLU B 424 29.99 33.39 -13.15
CA GLU B 424 31.36 33.11 -13.57
C GLU B 424 31.76 31.67 -13.28
N LYS B 425 31.45 31.17 -12.08
CA LYS B 425 31.75 29.78 -11.76
C LYS B 425 30.95 28.84 -12.64
N TYR B 426 29.71 29.22 -12.97
CA TYR B 426 28.90 28.41 -13.88
C TYR B 426 29.58 28.25 -15.24
N GLU B 427 30.04 29.37 -15.82
CA GLU B 427 30.72 29.28 -17.10
C GLU B 427 32.09 28.64 -16.98
N SER B 428 32.66 28.62 -15.77
CA SER B 428 33.96 27.99 -15.57
C SER B 428 33.91 26.47 -15.68
N TYR B 429 32.71 25.86 -15.73
CA TYR B 429 32.60 24.42 -15.80
C TYR B 429 32.65 23.88 -17.23
N PHE B 430 32.62 24.75 -18.23
CA PHE B 430 32.48 24.32 -19.62
C PHE B 430 33.74 24.65 -20.40
N MET B 431 34.08 23.77 -21.35
CA MET B 431 35.21 23.93 -22.25
C MET B 431 34.73 24.21 -23.66
N PRO B 432 35.58 24.74 -24.53
CA PRO B 432 35.20 24.90 -25.93
C PRO B 432 34.82 23.57 -26.56
N GLY B 433 33.81 23.60 -27.42
CA GLY B 433 33.30 22.40 -28.04
C GLY B 433 32.07 21.82 -27.39
N GLY B 434 31.48 22.50 -26.41
CA GLY B 434 30.31 21.99 -25.73
C GLY B 434 30.57 20.91 -24.71
N TRP B 435 31.78 20.85 -24.15
CA TRP B 435 32.14 19.83 -23.18
C TRP B 435 32.08 20.42 -21.77
N TYR B 436 31.15 19.91 -20.96
CA TYR B 436 31.13 20.22 -19.53
C TYR B 436 32.18 19.37 -18.84
N VAL B 437 33.18 20.01 -18.24
CA VAL B 437 34.26 19.32 -17.56
C VAL B 437 33.93 19.26 -16.08
N SER B 438 34.20 18.11 -15.47
CA SER B 438 33.85 17.89 -14.08
C SER B 438 35.02 18.10 -13.12
N GLY B 439 36.22 18.36 -13.63
CA GLY B 439 37.38 18.47 -12.80
C GLY B 439 37.92 17.16 -12.29
N ASP B 440 37.49 16.04 -12.86
CA ASP B 440 37.92 14.71 -12.42
C ASP B 440 38.66 14.01 -13.55
N SER B 441 39.62 13.18 -13.18
CA SER B 441 40.44 12.45 -14.15
C SER B 441 39.93 11.03 -14.29
N ALA B 442 39.71 10.60 -15.53
CA ALA B 442 39.23 9.24 -15.81
C ALA B 442 39.75 8.85 -17.18
N TYR B 443 39.75 7.53 -17.44
CA TYR B 443 40.19 7.02 -18.72
C TYR B 443 39.24 5.94 -19.22
N MET B 444 39.06 5.91 -20.54
CA MET B 444 38.17 4.95 -21.19
C MET B 444 38.97 3.73 -21.61
N ASP B 445 38.33 2.56 -21.55
CA ASP B 445 38.93 1.34 -22.05
C ASP B 445 38.51 1.11 -23.50
N GLU B 446 39.04 0.04 -24.11
CA GLU B 446 38.68 -0.28 -25.48
C GLU B 446 37.24 -0.73 -25.62
N GLU B 447 36.60 -1.13 -24.52
CA GLU B 447 35.22 -1.60 -24.54
C GLU B 447 34.22 -0.49 -24.19
N GLY B 448 34.69 0.74 -24.00
CA GLY B 448 33.81 1.82 -23.62
C GLY B 448 33.63 2.02 -22.14
N TYR B 449 34.25 1.19 -21.30
CA TYR B 449 34.13 1.32 -19.86
C TYR B 449 35.01 2.46 -19.35
N PHE B 450 34.50 3.18 -18.37
CA PHE B 450 35.22 4.29 -17.76
C PHE B 450 35.86 3.83 -16.45
N TRP B 451 37.08 4.29 -16.20
CA TRP B 451 37.80 3.98 -14.98
C TRP B 451 38.25 5.28 -14.34
N PHE B 452 37.93 5.46 -13.07
CA PHE B 452 38.24 6.69 -12.36
C PHE B 452 39.66 6.66 -11.81
N GLN B 453 40.25 7.84 -11.67
CA GLN B 453 41.58 7.98 -11.10
C GLN B 453 41.64 9.15 -10.13
#